data_4XRC
#
_entry.id   4XRC
#
_cell.length_a   248.420
_cell.length_b   51.080
_cell.length_c   127.610
_cell.angle_alpha   90.00
_cell.angle_beta   99.94
_cell.angle_gamma   90.00
#
_symmetry.space_group_name_H-M   'C 1 2 1'
#
loop_
_entity.id
_entity.type
_entity.pdbx_description
1 polymer 'H5.3 Fab light chain'
2 polymer 'H5.3 Fab heavy chain'
3 polymer Hemagglutinin
4 branched 2-acetamido-2-deoxy-beta-D-glucopyranose-(1-4)-[alpha-L-fucopyranose-(1-6)]2-acetamido-2-deoxy-beta-D-glucopyranose
5 water water
#
loop_
_entity_poly.entity_id
_entity_poly.type
_entity_poly.pdbx_seq_one_letter_code
_entity_poly.pdbx_strand_id
1 'polypeptide(L)'
;YELTQPPSVSVSPGQTVNITCSGDTLGDKYVCWYQQKPGQSPVLVIYQDTKRPSGIPERFSGSNSGDTATLTVSGTQAMD
EADYYCQAWDSSSFVFGTGTKVTVLGQPKANPTVTLFPPSSEELQANKATLVCLISDFYPGAVTVAWKADGSPVKAGVET
TKPSKQSNNKYAASSYLSLTPEQWKSHRSYSCQVTHEGSTVEKTVAPT
;
A,L
2 'polypeptide(L)'
;QVQLQESGPGLVKPSGTVSLTCAVSGGSISSSYWWSWVRQPPGKGLEWIGEIYHSGNTNYNPSLKSRVTISVDKSKNLFS
LKLSSVTAADTAVYYCARVALFDILTGGWFDPWGQGTLVTVSSASTKGPSVFPLAPSSKSTSGGTAALGCLVKDYFPEPV
TVSWNSGALTSGVHTFPAVLQSSGLYSLSSVVTVPSSSLGTQTYICNVNHKPSNTKVDKRVELKTPT
;
B,H
3 'polypeptide(L)'
;KPLILRDCSVAGWLLGNPMCDEFINVPEWSYIVEKANPVNDLCYPGDFNDYEELKHLLSRINHFEKIQIIPKSSWSSHEA
SLGVSSACPYQGKSSFFRNVVWLIKKNSAYPTIKRSYNNTNQEDLLVLWGIHHPNDAAEQTKLYQNPTTYISVGTSTLNQ
RLVPRIATRSKVNGLSSRMEFFWTILKPNDAINFESNGNFIAPEYAYKIVKK
;
D,C
#
loop_
_chem_comp.id
_chem_comp.type
_chem_comp.name
_chem_comp.formula
FUC L-saccharide, alpha linking alpha-L-fucopyranose 'C6 H12 O5'
NAG D-saccharide, beta linking 2-acetamido-2-deoxy-beta-D-glucopyranose 'C8 H15 N O6'
#
# COMPACT_ATOMS: atom_id res chain seq x y z
N TYR A 1 7.54 -4.02 24.37
CA TYR A 1 7.32 -4.98 25.44
C TYR A 1 7.80 -6.36 25.01
N GLU A 2 8.57 -7.02 25.88
CA GLU A 2 9.14 -8.34 25.56
C GLU A 2 8.86 -9.40 26.62
N LEU A 3 8.66 -10.63 26.17
CA LEU A 3 8.47 -11.76 27.07
C LEU A 3 9.69 -12.67 27.00
N THR A 4 10.34 -12.88 28.14
CA THR A 4 11.56 -13.67 28.19
C THR A 4 11.33 -15.07 28.73
N GLN A 5 11.79 -16.05 27.96
CA GLN A 5 11.72 -17.45 28.34
C GLN A 5 13.12 -18.04 28.33
N PRO A 6 13.37 -19.07 29.15
CA PRO A 6 14.62 -19.81 29.03
C PRO A 6 14.68 -20.55 27.70
N PRO A 7 15.85 -20.51 27.03
CA PRO A 7 16.02 -21.16 25.72
C PRO A 7 15.66 -22.65 25.73
N SER A 8 16.07 -23.39 26.76
CA SER A 8 15.78 -24.82 26.81
C SER A 8 15.73 -25.38 28.23
N VAL A 9 14.91 -26.42 28.41
CA VAL A 9 14.91 -27.21 29.63
C VAL A 9 14.70 -28.68 29.31
N SER A 10 15.32 -29.55 30.10
CA SER A 10 15.11 -30.99 29.95
C SER A 10 14.48 -31.58 31.20
N VAL A 11 13.76 -32.69 31.05
CA VAL A 11 13.05 -33.31 32.16
C VAL A 11 12.92 -34.81 31.94
N SER A 12 13.04 -35.58 33.02
CA SER A 12 12.90 -37.04 32.95
C SER A 12 11.44 -37.44 32.76
N PRO A 13 11.19 -38.55 32.05
CA PRO A 13 9.82 -39.01 31.85
C PRO A 13 9.15 -39.36 33.17
N GLY A 14 7.99 -38.77 33.43
CA GLY A 14 7.28 -39.01 34.66
C GLY A 14 7.47 -37.87 35.65
N GLN A 15 8.57 -37.13 35.47
CA GLN A 15 8.85 -35.98 36.32
C GLN A 15 8.04 -34.76 35.89
N THR A 16 8.21 -33.67 36.62
CA THR A 16 7.46 -32.45 36.34
C THR A 16 8.43 -31.36 35.88
N VAL A 17 8.03 -30.65 34.83
CA VAL A 17 8.85 -29.58 34.28
C VAL A 17 8.11 -28.24 34.36
N ASN A 18 8.84 -27.19 34.74
CA ASN A 18 8.28 -25.84 34.78
C ASN A 18 8.88 -24.93 33.71
N ILE A 19 8.01 -24.38 32.88
CA ILE A 19 8.41 -23.45 31.83
C ILE A 19 8.05 -22.03 32.25
N THR A 20 9.06 -21.18 32.40
CA THR A 20 8.85 -19.83 32.92
C THR A 20 8.80 -18.76 31.84
N CYS A 21 8.03 -17.71 32.11
CA CYS A 21 7.86 -16.59 31.20
C CYS A 21 7.89 -15.29 31.99
N SER A 22 8.78 -14.38 31.59
CA SER A 22 9.01 -13.18 32.37
C SER A 22 8.74 -11.90 31.60
N GLY A 23 8.15 -10.91 32.27
CA GLY A 23 7.85 -9.63 31.66
C GLY A 23 7.47 -8.57 32.68
N ASP A 24 7.50 -7.30 32.27
CA ASP A 24 7.17 -6.20 33.16
C ASP A 24 5.71 -6.26 33.55
N THR A 25 5.46 -6.32 34.87
CA THR A 25 4.10 -6.29 35.41
C THR A 25 3.23 -7.36 34.74
N LEU A 26 3.80 -8.55 34.56
CA LEU A 26 3.13 -9.63 33.85
C LEU A 26 1.95 -10.19 34.65
N GLY A 27 1.96 -9.96 35.95
CA GLY A 27 0.89 -10.42 36.82
C GLY A 27 -0.41 -9.67 36.64
N ASP A 28 -0.36 -8.54 35.95
CA ASP A 28 -1.56 -7.76 35.67
C ASP A 28 -2.15 -8.17 34.33
N LYS A 29 -1.45 -9.05 33.63
CA LYS A 29 -1.90 -9.50 32.33
C LYS A 29 -2.25 -10.99 32.36
N TYR A 30 -3.28 -11.35 31.63
CA TYR A 30 -3.59 -12.76 31.40
C TYR A 30 -2.62 -13.34 30.39
N VAL A 31 -2.06 -14.50 30.70
CA VAL A 31 -1.04 -15.13 29.88
C VAL A 31 -1.54 -16.42 29.23
N CYS A 32 -1.15 -16.65 27.98
CA CYS A 32 -1.50 -17.87 27.27
C CYS A 32 -0.27 -18.67 26.88
N TRP A 33 -0.45 -19.96 26.65
CA TRP A 33 0.65 -20.85 26.32
C TRP A 33 0.35 -21.64 25.05
N TYR A 34 1.36 -21.84 24.22
CA TYR A 34 1.17 -22.58 22.98
C TYR A 34 2.20 -23.68 22.80
N GLN A 35 1.73 -24.85 22.35
CA GLN A 35 2.60 -25.97 22.04
C GLN A 35 2.82 -26.07 20.53
N GLN A 36 4.08 -26.18 20.11
CA GLN A 36 4.38 -26.30 18.69
C GLN A 36 5.33 -27.45 18.40
N LYS A 37 4.86 -28.42 17.63
CA LYS A 37 5.72 -29.48 17.13
C LYS A 37 6.38 -28.99 15.85
N PRO A 38 7.60 -29.48 15.55
CA PRO A 38 8.32 -29.06 14.34
C PRO A 38 7.55 -29.25 13.05
N GLY A 39 7.43 -28.19 12.26
CA GLY A 39 6.76 -28.27 10.98
C GLY A 39 5.26 -28.23 11.10
N GLN A 40 4.77 -27.87 12.28
CA GLN A 40 3.35 -27.82 12.53
C GLN A 40 2.95 -26.51 13.18
N SER A 41 1.65 -26.27 13.26
CA SER A 41 1.10 -25.04 13.83
C SER A 41 1.09 -25.06 15.35
N PRO A 42 1.16 -23.87 15.96
CA PRO A 42 1.04 -23.76 17.42
C PRO A 42 -0.30 -24.32 17.91
N VAL A 43 -0.29 -24.92 19.08
CA VAL A 43 -1.51 -25.47 19.67
C VAL A 43 -1.74 -24.83 21.02
N LEU A 44 -2.95 -24.32 21.25
CA LEU A 44 -3.29 -23.71 22.53
C LEU A 44 -3.40 -24.80 23.62
N VAL A 45 -2.59 -24.66 24.66
CA VAL A 45 -2.63 -25.56 25.82
C VAL A 45 -3.25 -24.85 27.03
N ILE A 46 -2.81 -23.63 27.31
CA ILE A 46 -3.31 -22.88 28.45
C ILE A 46 -3.61 -21.44 28.04
N TYR A 47 -4.82 -20.96 28.35
CA TYR A 47 -5.18 -19.57 28.13
C TYR A 47 -5.78 -18.98 29.39
N GLN A 48 -5.74 -17.64 29.48
CA GLN A 48 -6.27 -16.90 30.64
C GLN A 48 -5.67 -17.41 31.95
N ASP A 49 -4.38 -17.66 31.88
CA ASP A 49 -3.46 -18.08 32.95
C ASP A 49 -3.61 -19.52 33.45
N THR A 50 -4.85 -19.95 33.68
CA THR A 50 -5.09 -21.30 34.20
C THR A 50 -5.96 -22.25 33.38
N LYS A 51 -6.58 -21.75 32.32
CA LYS A 51 -7.64 -22.52 31.66
C LYS A 51 -7.15 -23.45 30.55
N ARG A 52 -7.72 -24.65 30.52
CA ARG A 52 -7.44 -25.63 29.47
C ARG A 52 -8.58 -25.70 28.47
N PRO A 53 -8.24 -25.65 27.17
CA PRO A 53 -9.23 -25.91 26.11
C PRO A 53 -9.67 -27.37 26.15
N SER A 54 -10.86 -27.66 25.63
CA SER A 54 -11.33 -29.04 25.57
C SER A 54 -10.46 -29.86 24.64
N GLY A 55 -9.92 -30.96 25.15
CA GLY A 55 -9.03 -31.80 24.39
C GLY A 55 -7.61 -31.77 24.90
N ILE A 56 -7.33 -30.87 25.84
CA ILE A 56 -6.01 -30.81 26.46
C ILE A 56 -6.03 -31.52 27.82
N PRO A 57 -5.19 -32.55 27.99
CA PRO A 57 -5.15 -33.36 29.20
C PRO A 57 -4.88 -32.56 30.47
N GLU A 58 -5.39 -33.04 31.61
CA GLU A 58 -5.23 -32.38 32.90
C GLU A 58 -3.76 -32.29 33.32
N ARG A 59 -2.92 -33.03 32.60
CA ARG A 59 -1.48 -32.98 32.72
C ARG A 59 -0.95 -31.54 32.71
N PHE A 60 -1.53 -30.71 31.86
CA PHE A 60 -1.11 -29.32 31.72
C PHE A 60 -1.82 -28.37 32.68
N SER A 61 -1.06 -27.43 33.24
CA SER A 61 -1.57 -26.42 34.14
C SER A 61 -0.67 -25.19 34.10
N GLY A 62 -1.21 -24.03 34.47
CA GLY A 62 -0.43 -22.81 34.46
C GLY A 62 -0.74 -21.89 35.62
N SER A 63 0.14 -20.94 35.86
CA SER A 63 -0.02 -19.98 36.94
C SER A 63 0.65 -18.65 36.61
N ASN A 64 0.18 -17.58 37.25
CA ASN A 64 0.78 -16.27 37.07
C ASN A 64 0.76 -15.40 38.32
N SER A 65 1.94 -14.90 38.71
CA SER A 65 2.02 -13.93 39.80
C SER A 65 3.26 -13.06 39.63
N GLY A 66 3.15 -11.80 40.06
CA GLY A 66 4.22 -10.85 39.95
C GLY A 66 4.64 -10.57 38.51
N ASP A 67 5.93 -10.73 38.22
CA ASP A 67 6.43 -10.52 36.86
C ASP A 67 6.65 -11.83 36.09
N THR A 68 6.27 -12.97 36.68
CA THR A 68 6.60 -14.26 36.09
C THR A 68 5.41 -15.23 36.01
N ALA A 69 5.19 -15.76 34.80
CA ALA A 69 4.19 -16.80 34.54
C ALA A 69 4.85 -18.16 34.33
N THR A 70 4.15 -19.23 34.69
CA THR A 70 4.73 -20.57 34.60
C THR A 70 3.78 -21.60 34.00
N LEU A 71 4.25 -22.31 32.97
CA LEU A 71 3.53 -23.47 32.45
C LEU A 71 4.04 -24.75 33.11
N THR A 72 3.12 -25.60 33.55
CA THR A 72 3.50 -26.82 34.27
C THR A 72 2.92 -28.09 33.64
N VAL A 73 3.81 -29.06 33.38
CA VAL A 73 3.44 -30.37 32.87
C VAL A 73 3.85 -31.49 33.85
N SER A 74 2.88 -32.30 34.26
CA SER A 74 3.12 -33.33 35.26
C SER A 74 2.98 -34.75 34.70
N GLY A 75 3.98 -35.59 34.94
CA GLY A 75 3.99 -36.92 34.36
C GLY A 75 4.08 -36.87 32.85
N THR A 76 5.01 -36.06 32.35
CA THR A 76 5.13 -35.81 30.93
C THR A 76 5.50 -37.05 30.11
N GLN A 77 4.81 -37.21 28.98
CA GLN A 77 5.05 -38.33 28.07
C GLN A 77 5.90 -37.87 26.87
N ALA A 78 6.24 -38.83 26.00
CA ALA A 78 7.04 -38.54 24.80
C ALA A 78 6.40 -37.47 23.91
N MET A 79 5.08 -37.52 23.80
CA MET A 79 4.33 -36.63 22.93
C MET A 79 4.36 -35.17 23.38
N ASP A 80 4.85 -34.94 24.60
CA ASP A 80 4.90 -33.59 25.16
C ASP A 80 6.18 -32.88 24.77
N GLU A 81 7.03 -33.55 24.01
CA GLU A 81 8.27 -32.91 23.55
C GLU A 81 7.92 -31.97 22.40
N ALA A 82 8.15 -30.67 22.63
CA ALA A 82 7.79 -29.63 21.66
C ALA A 82 8.38 -28.28 22.06
N ASP A 83 8.10 -27.25 21.26
CA ASP A 83 8.41 -25.86 21.62
C ASP A 83 7.21 -25.21 22.31
N TYR A 84 7.48 -24.41 23.35
CA TYR A 84 6.40 -23.75 24.08
C TYR A 84 6.59 -22.23 24.14
N TYR A 85 5.56 -21.50 23.72
CA TYR A 85 5.57 -20.04 23.70
C TYR A 85 4.51 -19.45 24.62
N CYS A 86 4.92 -18.54 25.49
CA CYS A 86 3.97 -17.75 26.28
C CYS A 86 3.50 -16.54 25.47
N GLN A 87 2.33 -16.01 25.81
CA GLN A 87 1.78 -14.88 25.06
C GLN A 87 0.92 -13.95 25.94
N ALA A 88 0.99 -12.65 25.65
CA ALA A 88 0.26 -11.62 26.40
C ALA A 88 -0.08 -10.46 25.47
N TRP A 89 -0.61 -9.38 26.02
CA TRP A 89 -0.96 -8.21 25.21
C TRP A 89 -0.53 -6.93 25.93
N ASP A 90 0.09 -6.01 25.20
CA ASP A 90 0.42 -4.71 25.78
C ASP A 90 0.32 -3.59 24.75
N SER A 91 -0.42 -2.54 25.11
CA SER A 91 -0.46 -1.28 24.40
C SER A 91 -0.82 -1.49 22.91
N SER A 92 -1.96 -2.14 22.69
CA SER A 92 -2.52 -2.40 21.36
C SER A 92 -1.65 -3.32 20.52
N SER A 93 -0.80 -4.11 21.17
CA SER A 93 0.05 -5.06 20.47
C SER A 93 0.08 -6.41 21.18
N PHE A 94 -0.08 -7.48 20.42
CA PHE A 94 0.12 -8.83 20.95
C PHE A 94 1.62 -9.15 20.98
N VAL A 95 2.04 -9.87 22.02
CA VAL A 95 3.45 -10.19 22.20
C VAL A 95 3.64 -11.67 22.50
N PHE A 96 4.57 -12.30 21.79
CA PHE A 96 4.92 -13.69 22.04
C PHE A 96 6.27 -13.79 22.75
N GLY A 97 6.42 -14.82 23.57
CA GLY A 97 7.69 -15.09 24.23
C GLY A 97 8.71 -15.62 23.24
N THR A 98 9.97 -15.63 23.66
CA THR A 98 11.08 -16.08 22.80
C THR A 98 11.01 -17.57 22.51
N GLY A 99 10.33 -18.30 23.38
CA GLY A 99 10.14 -19.73 23.19
C GLY A 99 11.07 -20.59 24.02
N THR A 100 10.57 -21.76 24.41
CA THR A 100 11.35 -22.71 25.19
C THR A 100 11.19 -24.12 24.63
N LYS A 101 12.31 -24.79 24.37
CA LYS A 101 12.28 -26.17 23.91
C LYS A 101 12.27 -27.11 25.11
N VAL A 102 11.27 -27.99 25.16
CA VAL A 102 11.20 -28.98 26.22
C VAL A 102 11.57 -30.36 25.70
N THR A 103 12.64 -30.92 26.23
CA THR A 103 13.05 -32.26 25.87
C THR A 103 12.78 -33.24 27.00
N VAL A 104 12.05 -34.30 26.69
CA VAL A 104 11.90 -35.42 27.63
C VAL A 104 13.06 -36.39 27.38
N LEU A 105 13.83 -36.68 28.41
CA LEU A 105 15.07 -37.42 28.19
C LEU A 105 14.77 -38.89 27.89
N GLY A 106 15.09 -39.31 26.67
CA GLY A 106 14.96 -40.69 26.27
C GLY A 106 16.30 -41.37 26.09
N GLN A 107 17.37 -40.59 26.23
CA GLN A 107 18.73 -41.09 26.07
C GLN A 107 19.71 -40.31 26.94
N PRO A 108 20.89 -40.89 27.23
CA PRO A 108 21.87 -40.18 28.06
C PRO A 108 22.38 -38.88 27.41
N LYS A 109 22.91 -37.98 28.25
CA LYS A 109 23.45 -36.71 27.79
C LYS A 109 24.67 -36.90 26.90
N ALA A 110 24.85 -36.00 25.94
CA ALA A 110 26.02 -36.03 25.06
C ALA A 110 26.56 -34.63 24.82
N ASN A 111 27.82 -34.40 25.17
CA ASN A 111 28.47 -33.11 24.89
C ASN A 111 28.74 -32.97 23.41
N PRO A 112 28.53 -31.76 22.86
CA PRO A 112 28.68 -31.58 21.42
C PRO A 112 30.13 -31.54 20.96
N THR A 113 30.35 -31.88 19.71
CA THR A 113 31.68 -31.81 19.12
C THR A 113 31.66 -30.79 17.97
N VAL A 114 32.57 -29.84 18.05
CA VAL A 114 32.55 -28.67 17.16
C VAL A 114 33.75 -28.62 16.23
N THR A 115 33.47 -28.55 14.92
CA THR A 115 34.53 -28.44 13.92
C THR A 115 34.33 -27.15 13.11
N LEU A 116 35.38 -26.33 13.04
CA LEU A 116 35.31 -25.07 12.32
C LEU A 116 36.17 -25.09 11.08
N PHE A 117 35.54 -24.89 9.92
CA PHE A 117 36.24 -24.87 8.64
C PHE A 117 36.42 -23.45 8.12
N PRO A 118 37.67 -23.07 7.81
CA PRO A 118 37.99 -21.81 7.13
C PRO A 118 37.58 -21.87 5.65
N PRO A 119 37.53 -20.71 4.96
CA PRO A 119 37.20 -20.78 3.53
C PRO A 119 38.21 -21.65 2.79
N SER A 120 37.74 -22.43 1.82
CA SER A 120 38.62 -23.29 1.04
C SER A 120 39.45 -22.46 0.07
N SER A 121 40.56 -23.02 -0.39
CA SER A 121 41.40 -22.35 -1.36
C SER A 121 40.62 -22.05 -2.63
N GLU A 122 39.72 -22.97 -2.99
CA GLU A 122 38.93 -22.83 -4.21
C GLU A 122 37.92 -21.70 -4.13
N GLU A 123 37.29 -21.54 -2.97
CA GLU A 123 36.28 -20.51 -2.81
C GLU A 123 36.89 -19.11 -2.83
N LEU A 124 38.10 -19.01 -2.30
CA LEU A 124 38.79 -17.72 -2.25
C LEU A 124 39.15 -17.22 -3.65
N GLN A 125 39.38 -18.16 -4.57
CA GLN A 125 39.64 -17.82 -5.96
C GLN A 125 38.33 -17.62 -6.72
N ALA A 126 37.22 -17.89 -6.05
CA ALA A 126 35.90 -17.59 -6.56
C ALA A 126 35.41 -16.26 -6.03
N ASN A 127 36.32 -15.56 -5.34
CA ASN A 127 36.04 -14.28 -4.73
C ASN A 127 34.92 -14.34 -3.69
N LYS A 128 34.92 -15.40 -2.87
CA LYS A 128 33.99 -15.53 -1.77
C LYS A 128 34.68 -16.19 -0.58
N ALA A 129 34.18 -15.94 0.62
CA ALA A 129 34.74 -16.55 1.82
C ALA A 129 33.63 -16.95 2.77
N THR A 130 33.56 -18.23 3.11
CA THR A 130 32.52 -18.72 4.00
C THR A 130 33.12 -19.59 5.09
N LEU A 131 32.87 -19.18 6.34
CA LEU A 131 33.27 -19.96 7.50
C LEU A 131 32.17 -20.97 7.83
N VAL A 132 32.56 -22.20 8.09
CA VAL A 132 31.57 -23.23 8.39
C VAL A 132 31.83 -23.83 9.75
N CYS A 133 30.91 -23.59 10.69
CA CYS A 133 31.01 -24.20 12.00
C CYS A 133 30.01 -25.34 12.09
N LEU A 134 30.52 -26.56 12.18
CA LEU A 134 29.68 -27.75 12.24
C LEU A 134 29.61 -28.32 13.66
N ILE A 135 28.40 -28.58 14.13
CA ILE A 135 28.16 -29.08 15.47
C ILE A 135 27.39 -30.40 15.39
N SER A 136 27.91 -31.45 16.02
CA SER A 136 27.31 -32.77 15.89
C SER A 136 27.35 -33.61 17.17
N ASP A 137 26.56 -34.69 17.19
CA ASP A 137 26.58 -35.69 18.26
C ASP A 137 26.33 -35.12 19.67
N PHE A 138 25.24 -34.38 19.86
CA PHE A 138 24.91 -33.86 21.19
C PHE A 138 23.46 -34.13 21.58
N TYR A 139 23.22 -34.26 22.88
CA TYR A 139 21.87 -34.40 23.43
C TYR A 139 21.78 -33.67 24.76
N PRO A 140 20.66 -32.98 25.02
CA PRO A 140 19.49 -32.79 24.15
C PRO A 140 19.75 -31.89 22.93
N GLY A 141 18.70 -31.71 22.12
CA GLY A 141 18.82 -31.08 20.82
C GLY A 141 18.76 -29.56 20.80
N ALA A 142 19.26 -28.92 21.85
CA ALA A 142 19.22 -27.47 21.93
C ALA A 142 20.61 -26.86 22.09
N VAL A 143 20.90 -25.86 21.26
CA VAL A 143 22.21 -25.24 21.24
C VAL A 143 22.13 -23.75 20.88
N THR A 144 23.08 -22.96 21.37
CA THR A 144 23.17 -21.54 21.03
C THR A 144 24.55 -21.18 20.47
N VAL A 145 24.58 -20.74 19.22
CA VAL A 145 25.83 -20.41 18.53
C VAL A 145 26.09 -18.91 18.49
N ALA A 146 27.35 -18.51 18.68
CA ALA A 146 27.73 -17.11 18.62
C ALA A 146 29.06 -16.93 17.89
N TRP A 147 29.12 -15.97 16.96
CA TRP A 147 30.34 -15.74 16.20
C TRP A 147 31.10 -14.51 16.68
N LYS A 148 32.43 -14.63 16.75
CA LYS A 148 33.31 -13.57 17.20
C LYS A 148 34.37 -13.23 16.15
N ALA A 149 34.45 -11.96 15.76
CA ALA A 149 35.51 -11.49 14.88
C ALA A 149 36.53 -10.69 15.69
N ASP A 150 37.71 -11.27 15.88
CA ASP A 150 38.74 -10.70 16.77
C ASP A 150 38.16 -10.43 18.15
N GLY A 151 37.37 -11.39 18.64
CA GLY A 151 36.75 -11.29 19.95
C GLY A 151 35.56 -10.36 20.02
N SER A 152 35.18 -9.80 18.88
CA SER A 152 34.05 -8.89 18.80
C SER A 152 32.87 -9.57 18.11
N PRO A 153 31.70 -9.54 18.75
CA PRO A 153 30.49 -10.19 18.23
C PRO A 153 30.10 -9.70 16.84
N VAL A 154 29.76 -10.62 15.95
CA VAL A 154 29.25 -10.24 14.63
C VAL A 154 27.93 -10.94 14.33
N LYS A 155 26.91 -10.15 14.01
CA LYS A 155 25.62 -10.70 13.64
C LYS A 155 25.39 -10.62 12.12
N ALA A 156 26.31 -9.98 11.41
CA ALA A 156 26.18 -9.76 9.98
C ALA A 156 26.79 -10.90 9.17
N GLY A 157 25.97 -11.49 8.30
CA GLY A 157 26.43 -12.57 7.43
C GLY A 157 26.35 -13.93 8.09
N VAL A 158 25.64 -14.00 9.20
CA VAL A 158 25.52 -15.24 9.96
C VAL A 158 24.17 -15.89 9.71
N GLU A 159 24.20 -17.17 9.35
CA GLU A 159 22.99 -17.97 9.21
C GLU A 159 23.19 -19.29 9.94
N THR A 160 22.19 -19.71 10.71
CA THR A 160 22.32 -20.94 11.50
C THR A 160 21.11 -21.85 11.33
N THR A 161 21.37 -23.15 11.15
CA THR A 161 20.31 -24.15 11.04
C THR A 161 19.74 -24.51 12.40
N LYS A 162 18.52 -25.05 12.40
CA LYS A 162 17.91 -25.63 13.58
C LYS A 162 18.46 -27.04 13.75
N PRO A 163 18.77 -27.45 15.00
CA PRO A 163 19.30 -28.79 15.26
C PRO A 163 18.45 -29.91 14.66
N SER A 164 19.10 -30.82 13.95
CA SER A 164 18.43 -31.88 13.23
C SER A 164 18.89 -33.27 13.67
N LYS A 165 17.99 -34.24 13.61
CA LYS A 165 18.26 -35.59 14.08
C LYS A 165 19.19 -36.37 13.14
N GLN A 166 20.26 -36.93 13.71
CA GLN A 166 21.21 -37.73 12.97
C GLN A 166 20.70 -39.17 12.80
N SER A 167 21.51 -40.00 12.14
CA SER A 167 21.19 -41.41 11.96
C SER A 167 21.20 -42.16 13.29
N ASN A 168 22.13 -41.78 14.16
CA ASN A 168 22.31 -42.45 15.46
C ASN A 168 21.44 -41.85 16.56
N ASN A 169 20.52 -40.96 16.16
CA ASN A 169 19.52 -40.33 17.04
C ASN A 169 20.06 -39.20 17.93
N LYS A 170 21.34 -38.90 17.81
CA LYS A 170 21.87 -37.68 18.41
C LYS A 170 21.45 -36.51 17.53
N TYR A 171 21.80 -35.28 17.93
CA TYR A 171 21.44 -34.11 17.13
C TYR A 171 22.67 -33.37 16.61
N ALA A 172 22.50 -32.71 15.46
CA ALA A 172 23.57 -31.96 14.82
C ALA A 172 23.10 -30.57 14.40
N ALA A 173 24.04 -29.64 14.25
CA ALA A 173 23.71 -28.26 13.85
C ALA A 173 24.84 -27.60 13.08
N SER A 174 24.50 -26.57 12.32
CA SER A 174 25.51 -25.86 11.53
C SER A 174 25.28 -24.36 11.54
N SER A 175 26.38 -23.61 11.48
CA SER A 175 26.31 -22.16 11.39
C SER A 175 27.30 -21.66 10.36
N TYR A 176 26.88 -20.69 9.55
CA TYR A 176 27.74 -20.17 8.49
C TYR A 176 28.02 -18.70 8.73
N LEU A 177 29.28 -18.29 8.51
CA LEU A 177 29.60 -16.87 8.44
C LEU A 177 30.06 -16.54 7.02
N SER A 178 29.20 -15.87 6.26
CA SER A 178 29.50 -15.54 4.87
C SER A 178 30.21 -14.19 4.74
N LEU A 179 31.41 -14.20 4.17
CA LEU A 179 32.18 -12.96 4.04
C LEU A 179 32.75 -12.77 2.63
N THR A 180 33.23 -11.56 2.37
CA THR A 180 34.01 -11.29 1.17
C THR A 180 35.48 -11.52 1.53
N PRO A 181 36.30 -11.87 0.54
CA PRO A 181 37.72 -12.15 0.82
C PRO A 181 38.48 -11.00 1.50
N GLU A 182 38.01 -9.77 1.34
CA GLU A 182 38.65 -8.61 1.96
C GLU A 182 38.29 -8.51 3.45
N GLN A 183 37.03 -8.74 3.76
CA GLN A 183 36.55 -8.77 5.14
C GLN A 183 37.24 -9.83 5.98
N TRP A 184 37.29 -11.06 5.44
CA TRP A 184 37.98 -12.17 6.07
C TRP A 184 39.48 -11.92 6.26
N LYS A 185 40.07 -11.08 5.41
CA LYS A 185 41.49 -10.79 5.52
C LYS A 185 41.75 -9.52 6.34
N SER A 186 40.67 -8.88 6.81
CA SER A 186 40.80 -7.68 7.63
C SER A 186 41.06 -7.97 9.10
N HIS A 187 40.54 -9.09 9.60
CA HIS A 187 40.76 -9.49 10.98
C HIS A 187 41.72 -10.68 11.09
N ARG A 188 42.43 -10.77 12.21
CA ARG A 188 43.47 -11.78 12.37
C ARG A 188 42.94 -13.06 13.02
N SER A 189 41.71 -13.02 13.53
CA SER A 189 41.14 -14.22 14.14
C SER A 189 39.62 -14.25 14.06
N TYR A 190 39.07 -15.45 13.95
CA TYR A 190 37.62 -15.66 13.96
C TYR A 190 37.28 -16.82 14.88
N SER A 191 36.19 -16.68 15.62
CA SER A 191 35.81 -17.69 16.59
C SER A 191 34.37 -18.15 16.43
N CYS A 192 34.15 -19.44 16.67
CA CYS A 192 32.81 -20.00 16.72
C CYS A 192 32.54 -20.50 18.15
N GLN A 193 31.69 -19.77 18.89
CA GLN A 193 31.37 -20.13 20.26
C GLN A 193 30.05 -20.89 20.35
N VAL A 194 30.12 -22.14 20.79
CA VAL A 194 28.95 -22.98 20.90
C VAL A 194 28.61 -23.30 22.36
N THR A 195 27.43 -22.87 22.83
CA THR A 195 27.02 -23.12 24.21
C THR A 195 25.94 -24.21 24.28
N HIS A 196 26.21 -25.26 25.04
CA HIS A 196 25.29 -26.39 25.17
C HIS A 196 25.17 -26.87 26.61
N GLU A 197 23.96 -26.77 27.16
CA GLU A 197 23.68 -27.20 28.52
C GLU A 197 24.63 -26.56 29.54
N GLY A 198 24.82 -25.24 29.43
CA GLY A 198 25.65 -24.52 30.36
C GLY A 198 27.14 -24.60 30.07
N SER A 199 27.51 -25.44 29.11
CA SER A 199 28.90 -25.62 28.73
C SER A 199 29.18 -24.97 27.37
N THR A 200 30.34 -24.32 27.25
CA THR A 200 30.69 -23.60 26.04
C THR A 200 31.92 -24.18 25.34
N VAL A 201 31.74 -24.63 24.10
CA VAL A 201 32.84 -25.11 23.28
C VAL A 201 33.21 -24.07 22.23
N GLU A 202 34.49 -23.94 21.94
CA GLU A 202 34.98 -22.88 21.06
C GLU A 202 36.09 -23.35 20.12
N LYS A 203 36.00 -22.93 18.86
CA LYS A 203 37.06 -23.19 17.87
C LYS A 203 37.47 -21.91 17.16
N THR A 204 38.73 -21.83 16.76
CA THR A 204 39.30 -20.60 16.20
C THR A 204 40.08 -20.84 14.92
N VAL A 205 39.82 -20.02 13.90
CA VAL A 205 40.59 -20.05 12.66
C VAL A 205 41.17 -18.67 12.35
N ALA A 206 42.27 -18.64 11.59
CA ALA A 206 42.90 -17.37 11.26
C ALA A 206 43.47 -17.37 9.85
N PRO A 207 43.30 -16.24 9.14
CA PRO A 207 43.79 -16.07 7.76
C PRO A 207 45.31 -15.93 7.70
N THR A 208 45.94 -16.63 6.76
CA THR A 208 47.39 -16.51 6.57
C THR A 208 47.74 -16.63 5.09
N GLN B 1 -16.35 -27.43 13.49
CA GLN B 1 -15.09 -26.76 13.81
C GLN B 1 -14.76 -25.70 12.77
N VAL B 2 -14.08 -24.64 13.22
CA VAL B 2 -13.67 -23.57 12.33
C VAL B 2 -12.25 -23.86 11.87
N GLN B 3 -12.01 -23.67 10.57
CA GLN B 3 -10.70 -23.93 9.98
C GLN B 3 -10.22 -22.73 9.18
N LEU B 4 -8.91 -22.50 9.21
CA LEU B 4 -8.32 -21.37 8.50
C LEU B 4 -7.28 -21.89 7.51
N GLN B 5 -7.23 -21.26 6.34
CA GLN B 5 -6.33 -21.72 5.29
C GLN B 5 -5.61 -20.54 4.61
N GLU B 6 -4.28 -20.54 4.70
CA GLU B 6 -3.48 -19.51 4.05
C GLU B 6 -3.13 -19.87 2.60
N SER B 7 -3.10 -18.88 1.73
CA SER B 7 -2.66 -19.08 0.35
C SER B 7 -2.08 -17.80 -0.26
N GLY B 8 -1.21 -17.98 -1.24
CA GLY B 8 -0.57 -16.86 -1.93
C GLY B 8 0.78 -17.26 -2.47
N PRO B 9 1.45 -16.34 -3.17
CA PRO B 9 2.77 -16.61 -3.75
C PRO B 9 3.81 -16.91 -2.67
N GLY B 10 4.59 -17.96 -2.89
CA GLY B 10 5.60 -18.39 -1.94
C GLY B 10 6.95 -17.76 -2.18
N LEU B 11 7.05 -16.99 -3.27
CA LEU B 11 8.30 -16.34 -3.64
C LEU B 11 8.03 -14.90 -4.02
N VAL B 12 8.65 -13.98 -3.29
CA VAL B 12 8.49 -12.55 -3.53
C VAL B 12 9.85 -11.89 -3.62
N LYS B 13 10.02 -11.03 -4.62
CA LYS B 13 11.27 -10.32 -4.81
C LYS B 13 11.40 -9.17 -3.83
N PRO B 14 12.64 -8.86 -3.42
CA PRO B 14 12.93 -7.72 -2.54
C PRO B 14 12.37 -6.40 -3.07
N SER B 15 11.78 -5.62 -2.17
CA SER B 15 11.06 -4.37 -2.43
C SER B 15 9.63 -4.63 -2.88
N GLY B 16 9.31 -5.90 -3.12
CA GLY B 16 7.97 -6.29 -3.53
C GLY B 16 7.01 -6.35 -2.36
N THR B 17 5.75 -6.60 -2.67
CA THR B 17 4.74 -6.78 -1.62
C THR B 17 4.34 -8.24 -1.41
N VAL B 18 4.47 -8.72 -0.16
CA VAL B 18 3.95 -10.02 0.23
C VAL B 18 2.43 -9.92 0.29
N SER B 19 1.74 -10.79 -0.45
CA SER B 19 0.29 -10.69 -0.53
C SER B 19 -0.37 -12.03 -0.19
N LEU B 20 -1.05 -12.06 0.95
CA LEU B 20 -1.67 -13.30 1.44
C LEU B 20 -3.14 -13.13 1.78
N THR B 21 -3.89 -14.22 1.67
CA THR B 21 -5.29 -14.26 2.08
C THR B 21 -5.56 -15.50 2.94
N CYS B 22 -6.54 -15.38 3.82
CA CYS B 22 -6.90 -16.48 4.72
C CYS B 22 -8.37 -16.87 4.58
N ALA B 23 -8.63 -18.08 4.11
CA ALA B 23 -10.01 -18.53 3.92
C ALA B 23 -10.55 -19.11 5.23
N VAL B 24 -11.70 -18.59 5.66
CA VAL B 24 -12.33 -19.05 6.89
C VAL B 24 -13.54 -19.91 6.60
N SER B 25 -13.53 -21.12 7.15
CA SER B 25 -14.64 -22.05 6.99
C SER B 25 -15.10 -22.54 8.36
N GLY B 26 -16.39 -22.85 8.47
CA GLY B 26 -16.94 -23.32 9.73
C GLY B 26 -17.50 -22.20 10.58
N GLY B 27 -17.10 -20.97 10.25
CA GLY B 27 -17.55 -19.78 10.96
C GLY B 27 -17.69 -18.58 10.04
N SER B 28 -18.27 -17.51 10.57
CA SER B 28 -18.43 -16.28 9.81
C SER B 28 -17.38 -15.26 10.22
N ILE B 29 -16.93 -14.45 9.25
CA ILE B 29 -16.00 -13.38 9.53
C ILE B 29 -16.66 -12.36 10.47
N SER B 30 -17.99 -12.21 10.33
CA SER B 30 -18.69 -11.29 11.20
C SER B 30 -19.05 -12.05 12.47
N SER B 31 -18.26 -11.78 13.50
CA SER B 31 -18.31 -12.48 14.77
C SER B 31 -17.77 -11.55 15.83
N SER B 32 -17.74 -12.03 17.07
CA SER B 32 -17.12 -11.25 18.13
C SER B 32 -15.62 -11.51 18.16
N TYR B 33 -15.18 -12.41 17.28
CA TYR B 33 -13.76 -12.74 17.14
C TYR B 33 -12.95 -11.75 16.31
N TRP B 34 -11.65 -11.72 16.53
CA TRP B 34 -10.73 -10.93 15.72
C TRP B 34 -9.87 -11.84 14.86
N TRP B 35 -9.41 -11.32 13.72
CA TRP B 35 -8.66 -12.13 12.78
C TRP B 35 -7.24 -11.60 12.61
N SER B 36 -6.27 -12.45 12.92
CA SER B 36 -4.87 -12.03 13.07
C SER B 36 -3.92 -12.74 12.09
N TRP B 37 -2.80 -12.08 11.80
CA TRP B 37 -1.69 -12.69 11.06
C TRP B 37 -0.46 -12.78 11.95
N VAL B 38 0.20 -13.94 11.92
CA VAL B 38 1.39 -14.17 12.72
C VAL B 38 2.46 -14.87 11.88
N ARG B 39 3.69 -14.40 11.94
CA ARG B 39 4.73 -15.02 11.13
C ARG B 39 5.88 -15.60 11.96
N GLN B 40 6.56 -16.58 11.38
CA GLN B 40 7.65 -17.28 12.04
C GLN B 40 8.81 -17.60 11.07
N PRO B 41 9.84 -16.75 11.04
CA PRO B 41 11.00 -17.10 10.20
C PRO B 41 11.56 -18.46 10.60
N PRO B 42 12.10 -19.21 9.63
CA PRO B 42 12.54 -20.59 9.90
C PRO B 42 13.54 -20.69 11.04
N GLY B 43 13.23 -21.54 12.02
CA GLY B 43 14.11 -21.80 13.15
C GLY B 43 14.09 -20.71 14.21
N LYS B 44 13.06 -19.86 14.17
CA LYS B 44 12.95 -18.75 15.10
C LYS B 44 11.57 -18.69 15.77
N GLY B 45 11.34 -17.61 16.52
CA GLY B 45 10.12 -17.47 17.30
C GLY B 45 8.95 -16.86 16.54
N LEU B 46 7.77 -16.95 17.15
CA LEU B 46 6.55 -16.39 16.60
C LEU B 46 6.52 -14.87 16.71
N GLU B 47 6.07 -14.21 15.66
CA GLU B 47 5.97 -12.75 15.65
C GLU B 47 4.59 -12.27 15.21
N TRP B 48 3.92 -11.54 16.10
CA TRP B 48 2.61 -10.99 15.79
C TRP B 48 2.74 -9.85 14.79
N ILE B 49 1.89 -9.89 13.76
CA ILE B 49 1.89 -8.88 12.72
C ILE B 49 0.81 -7.84 12.96
N GLY B 50 -0.45 -8.29 12.98
CA GLY B 50 -1.57 -7.39 13.19
C GLY B 50 -2.88 -8.15 13.21
N GLU B 51 -3.98 -7.43 13.42
CA GLU B 51 -5.29 -8.05 13.52
C GLU B 51 -6.39 -7.18 12.91
N ILE B 52 -7.56 -7.77 12.70
CA ILE B 52 -8.69 -7.03 12.14
C ILE B 52 -10.04 -7.57 12.64
N TYR B 53 -11.00 -6.66 12.79
CA TYR B 53 -12.37 -6.97 13.19
C TYR B 53 -13.30 -6.75 12.00
N HIS B 54 -14.42 -7.45 11.96
CA HIS B 54 -15.31 -7.42 10.80
C HIS B 54 -15.83 -6.03 10.45
N SER B 55 -15.74 -5.10 11.40
CA SER B 55 -16.21 -3.74 11.20
C SER B 55 -15.19 -2.89 10.44
N GLY B 56 -13.96 -3.40 10.35
CA GLY B 56 -12.89 -2.71 9.65
C GLY B 56 -11.77 -2.19 10.55
N ASN B 57 -11.98 -2.25 11.86
CA ASN B 57 -10.98 -1.83 12.84
C ASN B 57 -9.72 -2.70 12.74
N THR B 58 -8.55 -2.07 12.80
CA THR B 58 -7.30 -2.82 12.74
C THR B 58 -6.35 -2.41 13.84
N ASN B 59 -5.40 -3.29 14.11
CA ASN B 59 -4.30 -3.00 15.02
C ASN B 59 -3.04 -3.67 14.47
N TYR B 60 -1.97 -2.91 14.35
CA TYR B 60 -0.75 -3.42 13.74
C TYR B 60 0.45 -3.42 14.69
N ASN B 61 1.39 -4.32 14.42
CA ASN B 61 2.70 -4.29 15.06
C ASN B 61 3.41 -2.99 14.67
N PRO B 62 3.71 -2.14 15.67
CA PRO B 62 4.33 -0.84 15.45
C PRO B 62 5.62 -0.88 14.64
N SER B 63 6.36 -1.97 14.68
CA SER B 63 7.61 -2.03 13.92
C SER B 63 7.35 -2.37 12.46
N LEU B 64 6.21 -2.99 12.19
CA LEU B 64 5.82 -3.30 10.82
C LEU B 64 4.76 -2.34 10.30
N LYS B 65 4.31 -1.45 11.18
CA LYS B 65 3.13 -0.63 10.94
C LYS B 65 3.19 0.14 9.63
N SER B 66 4.39 0.57 9.25
CA SER B 66 4.56 1.37 8.05
C SER B 66 4.18 0.61 6.77
N ARG B 67 4.62 -0.63 6.66
CA ARG B 67 4.45 -1.40 5.44
C ARG B 67 3.35 -2.47 5.45
N VAL B 68 2.52 -2.52 6.48
CA VAL B 68 1.52 -3.60 6.58
C VAL B 68 0.08 -3.12 6.41
N THR B 69 -0.73 -3.93 5.74
CA THR B 69 -2.15 -3.66 5.59
C THR B 69 -2.95 -4.97 5.69
N ILE B 70 -3.99 -4.98 6.53
CA ILE B 70 -4.89 -6.11 6.68
C ILE B 70 -6.30 -5.66 6.34
N SER B 71 -7.00 -6.45 5.53
CA SER B 71 -8.37 -6.11 5.16
C SER B 71 -9.25 -7.35 5.27
N VAL B 72 -10.53 -7.17 4.98
CA VAL B 72 -11.51 -8.24 5.13
C VAL B 72 -12.55 -8.27 4.01
N ASP B 73 -12.82 -9.45 3.46
CA ASP B 73 -13.89 -9.59 2.48
C ASP B 73 -15.01 -10.43 3.07
N LYS B 74 -16.10 -9.76 3.43
CA LYS B 74 -17.23 -10.42 4.08
C LYS B 74 -17.98 -11.33 3.13
N SER B 75 -18.01 -10.97 1.85
CA SER B 75 -18.75 -11.75 0.86
C SER B 75 -18.07 -13.09 0.61
N LYS B 76 -16.77 -13.06 0.35
CA LYS B 76 -16.01 -14.29 0.12
C LYS B 76 -15.61 -14.95 1.43
N ASN B 77 -15.95 -14.30 2.55
CA ASN B 77 -15.67 -14.83 3.88
C ASN B 77 -14.18 -15.11 4.10
N LEU B 78 -13.37 -14.08 3.91
CA LEU B 78 -11.93 -14.18 4.08
C LEU B 78 -11.34 -12.84 4.52
N PHE B 79 -10.11 -12.89 5.02
CA PHE B 79 -9.36 -11.67 5.30
C PHE B 79 -7.95 -11.85 4.78
N SER B 80 -7.26 -10.74 4.57
CA SER B 80 -5.99 -10.77 3.83
C SER B 80 -4.88 -9.89 4.41
N LEU B 81 -3.66 -10.12 3.92
CA LEU B 81 -2.46 -9.44 4.41
C LEU B 81 -1.59 -8.92 3.27
N LYS B 82 -1.16 -7.67 3.38
CA LYS B 82 -0.22 -7.09 2.43
C LYS B 82 0.95 -6.45 3.17
N LEU B 83 2.13 -7.02 2.99
CA LEU B 83 3.34 -6.53 3.62
C LEU B 83 4.29 -6.03 2.55
N SER B 84 4.47 -4.71 2.46
CA SER B 84 5.24 -4.15 1.36
C SER B 84 6.72 -3.89 1.68
N SER B 85 7.47 -3.51 0.65
CA SER B 85 8.89 -3.16 0.76
C SER B 85 9.70 -4.24 1.49
N VAL B 86 9.58 -5.48 1.03
CA VAL B 86 10.16 -6.60 1.76
C VAL B 86 11.66 -6.77 1.57
N THR B 87 12.30 -7.37 2.58
CA THR B 87 13.73 -7.68 2.55
C THR B 87 13.86 -9.16 2.92
N ALA B 88 15.09 -9.68 3.01
CA ALA B 88 15.33 -11.06 3.40
C ALA B 88 14.80 -11.35 4.81
N ALA B 89 14.72 -10.31 5.63
CA ALA B 89 14.24 -10.47 7.01
C ALA B 89 12.75 -10.81 7.03
N ASP B 90 12.11 -10.70 5.87
CA ASP B 90 10.68 -11.00 5.78
C ASP B 90 10.40 -12.42 5.33
N THR B 91 11.46 -13.19 5.07
CA THR B 91 11.26 -14.61 4.78
C THR B 91 10.78 -15.28 6.06
N ALA B 92 9.60 -15.89 5.97
CA ALA B 92 8.96 -16.47 7.15
C ALA B 92 7.83 -17.43 6.77
N VAL B 93 7.43 -18.24 7.74
CA VAL B 93 6.17 -19.00 7.63
C VAL B 93 5.08 -18.09 8.16
N TYR B 94 4.06 -17.84 7.34
CA TYR B 94 2.99 -16.92 7.72
C TYR B 94 1.73 -17.66 8.14
N TYR B 95 1.32 -17.48 9.40
CA TYR B 95 0.10 -18.08 9.92
C TYR B 95 -1.02 -17.06 10.02
N CYS B 96 -2.26 -17.50 9.82
CA CYS B 96 -3.42 -16.71 10.19
C CYS B 96 -4.10 -17.37 11.39
N ALA B 97 -4.77 -16.59 12.23
CA ALA B 97 -5.36 -17.13 13.45
C ALA B 97 -6.60 -16.37 13.88
N ARG B 98 -7.50 -17.07 14.58
CA ARG B 98 -8.68 -16.44 15.16
C ARG B 98 -8.35 -16.07 16.61
N VAL B 99 -8.69 -14.84 16.98
CA VAL B 99 -8.44 -14.35 18.33
C VAL B 99 -9.74 -14.12 19.10
N ALA B 100 -9.79 -14.62 20.34
CA ALA B 100 -10.96 -14.44 21.19
C ALA B 100 -10.60 -13.52 22.35
N LEU B 101 -11.56 -12.71 22.79
CA LEU B 101 -11.35 -11.82 23.94
C LEU B 101 -11.54 -12.55 25.27
N PHE B 102 -10.82 -12.11 26.29
CA PHE B 102 -11.02 -12.57 27.66
C PHE B 102 -12.34 -12.07 28.21
N ASP B 103 -12.94 -12.81 29.14
CA ASP B 103 -14.16 -12.33 29.78
C ASP B 103 -13.85 -11.07 30.58
N ILE B 104 -12.67 -11.03 31.20
CA ILE B 104 -12.23 -9.84 31.90
C ILE B 104 -10.81 -9.44 31.49
N LEU B 105 -10.61 -8.13 31.48
CA LEU B 105 -9.44 -7.36 31.03
C LEU B 105 -9.09 -7.40 29.53
N THR B 106 -7.85 -7.01 29.23
CA THR B 106 -7.34 -6.84 27.87
C THR B 106 -6.67 -8.07 27.28
N GLY B 107 -6.60 -8.12 25.95
CA GLY B 107 -5.84 -9.15 25.27
C GLY B 107 -6.73 -10.25 24.77
N GLY B 108 -6.14 -11.42 24.54
CA GLY B 108 -6.89 -12.57 24.05
C GLY B 108 -6.03 -13.75 23.67
N TRP B 109 -6.67 -14.84 23.24
CA TRP B 109 -5.94 -16.04 22.86
C TRP B 109 -6.15 -16.41 21.39
N PHE B 110 -5.18 -17.13 20.84
CA PHE B 110 -5.19 -17.49 19.43
C PHE B 110 -5.66 -18.93 19.22
N ASP B 111 -6.79 -19.09 18.55
CA ASP B 111 -7.34 -20.41 18.22
C ASP B 111 -8.57 -20.28 17.33
N PRO B 112 -8.63 -21.08 16.25
CA PRO B 112 -7.57 -21.98 15.81
C PRO B 112 -6.53 -21.31 14.93
N TRP B 113 -5.53 -22.09 14.51
CA TRP B 113 -4.50 -21.61 13.61
C TRP B 113 -4.64 -22.30 12.27
N GLY B 114 -4.12 -21.66 11.22
CA GLY B 114 -4.04 -22.27 9.91
C GLY B 114 -2.79 -23.09 9.83
N GLN B 115 -2.62 -23.85 8.74
CA GLN B 115 -1.45 -24.70 8.60
C GLN B 115 -0.16 -23.88 8.46
N GLY B 116 -0.30 -22.66 7.96
CA GLY B 116 0.83 -21.78 7.74
C GLY B 116 1.36 -21.96 6.32
N THR B 117 1.87 -20.87 5.75
CA THR B 117 2.45 -20.97 4.41
C THR B 117 3.80 -20.24 4.38
N LEU B 118 4.79 -20.90 3.79
CA LEU B 118 6.13 -20.32 3.73
C LEU B 118 6.22 -19.31 2.59
N VAL B 119 6.77 -18.15 2.91
CA VAL B 119 7.00 -17.10 1.93
C VAL B 119 8.47 -16.73 1.93
N THR B 120 9.14 -16.97 0.80
CA THR B 120 10.56 -16.68 0.66
C THR B 120 10.77 -15.36 -0.05
N VAL B 121 11.66 -14.52 0.48
CA VAL B 121 12.01 -13.29 -0.21
C VAL B 121 13.41 -13.40 -0.79
N SER B 122 13.46 -13.55 -2.11
CA SER B 122 14.70 -13.69 -2.84
C SER B 122 14.52 -13.18 -4.27
N SER B 123 15.54 -12.55 -4.81
CA SER B 123 15.47 -12.09 -6.19
C SER B 123 16.02 -13.14 -7.14
N ALA B 124 16.54 -14.22 -6.56
CA ALA B 124 17.20 -15.27 -7.31
C ALA B 124 16.28 -16.01 -8.28
N SER B 125 16.89 -16.59 -9.31
CA SER B 125 16.19 -17.47 -10.25
C SER B 125 16.97 -18.78 -10.27
N THR B 126 16.58 -19.72 -11.13
CA THR B 126 17.23 -21.03 -11.15
C THR B 126 18.74 -20.93 -11.31
N LYS B 127 19.45 -21.49 -10.34
CA LYS B 127 20.90 -21.46 -10.29
C LYS B 127 21.47 -22.75 -9.72
N GLY B 128 22.52 -23.28 -10.36
CA GLY B 128 23.21 -24.45 -9.86
C GLY B 128 24.19 -24.10 -8.75
N PRO B 129 24.51 -25.08 -7.90
CA PRO B 129 25.39 -24.86 -6.76
C PRO B 129 26.88 -24.86 -7.10
N SER B 130 27.67 -24.17 -6.28
CA SER B 130 29.11 -24.33 -6.28
C SER B 130 29.41 -25.33 -5.16
N VAL B 131 30.42 -26.18 -5.37
CA VAL B 131 30.77 -27.17 -4.36
C VAL B 131 32.22 -27.02 -3.90
N PHE B 132 32.40 -26.79 -2.60
CA PHE B 132 33.73 -26.63 -2.02
C PHE B 132 34.01 -27.70 -0.96
N PRO B 133 35.25 -28.18 -0.92
CA PRO B 133 35.66 -29.19 0.06
C PRO B 133 35.91 -28.60 1.44
N LEU B 134 35.58 -29.34 2.48
CA LEU B 134 36.04 -29.00 3.81
C LEU B 134 37.15 -29.98 4.19
N ALA B 135 38.41 -29.53 4.11
CA ALA B 135 39.56 -30.40 4.37
C ALA B 135 39.75 -30.62 5.86
N PRO B 136 39.96 -31.89 6.29
CA PRO B 136 40.10 -32.16 7.72
C PRO B 136 41.37 -31.66 8.45
N SER B 137 42.54 -32.08 8.00
CA SER B 137 43.79 -31.78 8.71
C SER B 137 45.01 -32.17 7.88
N ALA B 146 38.35 -37.48 13.28
CA ALA B 146 38.35 -36.27 12.45
C ALA B 146 37.14 -36.22 11.52
N ALA B 147 36.77 -35.01 11.11
CA ALA B 147 35.59 -34.81 10.27
C ALA B 147 35.89 -34.01 9.01
N LEU B 148 35.28 -34.44 7.90
CA LEU B 148 35.39 -33.73 6.62
C LEU B 148 34.04 -33.77 5.91
N GLY B 149 33.86 -32.87 4.95
CA GLY B 149 32.61 -32.79 4.22
C GLY B 149 32.64 -31.97 2.94
N CYS B 150 31.44 -31.68 2.42
CA CYS B 150 31.27 -30.86 1.22
C CYS B 150 30.36 -29.67 1.50
N LEU B 151 30.78 -28.49 1.07
CA LEU B 151 29.97 -27.29 1.21
C LEU B 151 29.24 -27.00 -0.09
N VAL B 152 27.91 -27.01 -0.03
CA VAL B 152 27.12 -26.75 -1.23
C VAL B 152 26.40 -25.41 -1.10
N LYS B 153 26.89 -24.40 -1.80
CA LYS B 153 26.37 -23.06 -1.59
C LYS B 153 25.98 -22.34 -2.87
N ASP B 154 25.20 -21.28 -2.70
CA ASP B 154 24.77 -20.41 -3.79
C ASP B 154 23.96 -21.14 -4.85
N TYR B 155 22.95 -21.87 -4.42
CA TYR B 155 22.05 -22.55 -5.35
C TYR B 155 20.61 -22.12 -5.09
N PHE B 156 19.82 -22.05 -6.16
CA PHE B 156 18.42 -21.72 -6.05
C PHE B 156 17.63 -22.45 -7.13
N PRO B 157 16.44 -22.95 -6.81
CA PRO B 157 15.81 -23.05 -5.49
C PRO B 157 16.18 -24.38 -4.83
N GLU B 158 15.53 -24.68 -3.70
CA GLU B 158 15.71 -25.97 -3.04
C GLU B 158 15.00 -27.08 -3.83
N PRO B 159 15.34 -28.37 -3.55
CA PRO B 159 16.35 -28.91 -2.65
C PRO B 159 17.67 -29.31 -3.31
N VAL B 160 18.62 -29.73 -2.48
CA VAL B 160 19.85 -30.37 -2.91
C VAL B 160 20.01 -31.70 -2.18
N THR B 161 20.19 -32.79 -2.94
CA THR B 161 20.42 -34.09 -2.33
C THR B 161 21.90 -34.42 -2.35
N VAL B 162 22.42 -34.93 -1.24
CA VAL B 162 23.84 -35.28 -1.17
C VAL B 162 24.07 -36.71 -0.70
N SER B 163 24.93 -37.43 -1.40
CA SER B 163 25.34 -38.77 -1.00
C SER B 163 26.85 -38.89 -1.07
N TRP B 164 27.40 -39.94 -0.47
CA TRP B 164 28.85 -40.13 -0.48
C TRP B 164 29.23 -41.45 -1.11
N ASN B 165 30.21 -41.41 -2.00
CA ASN B 165 30.70 -42.58 -2.70
C ASN B 165 29.56 -43.35 -3.38
N SER B 166 28.63 -42.60 -3.96
CA SER B 166 27.49 -43.17 -4.67
C SER B 166 26.67 -44.11 -3.78
N GLY B 167 26.38 -43.67 -2.57
CA GLY B 167 25.55 -44.42 -1.65
C GLY B 167 26.31 -45.48 -0.89
N ALA B 168 27.55 -45.75 -1.29
CA ALA B 168 28.36 -46.77 -0.63
C ALA B 168 28.82 -46.30 0.75
N LEU B 169 28.71 -45.00 0.99
CA LEU B 169 29.07 -44.46 2.30
C LEU B 169 27.87 -43.78 2.94
N THR B 170 27.36 -44.43 3.98
CA THR B 170 26.16 -43.98 4.69
C THR B 170 26.51 -43.69 6.14
N SER B 171 27.07 -44.68 6.82
CA SER B 171 27.39 -44.55 8.24
C SER B 171 28.36 -43.39 8.47
N GLY B 172 28.02 -42.54 9.43
CA GLY B 172 28.83 -41.40 9.80
C GLY B 172 28.50 -40.17 8.96
N VAL B 173 27.47 -40.27 8.13
CA VAL B 173 27.08 -39.17 7.26
C VAL B 173 25.86 -38.42 7.77
N HIS B 174 25.99 -37.10 7.84
CA HIS B 174 24.87 -36.24 8.14
C HIS B 174 24.81 -35.10 7.12
N THR B 175 23.68 -34.98 6.44
CA THR B 175 23.47 -33.87 5.53
C THR B 175 22.57 -32.82 6.18
N PHE B 176 23.14 -31.66 6.47
CA PHE B 176 22.43 -30.58 7.17
C PHE B 176 21.38 -29.90 6.30
N PRO B 177 20.38 -29.29 6.96
CA PRO B 177 19.42 -28.42 6.27
C PRO B 177 20.11 -27.20 5.66
N ALA B 178 19.42 -26.50 4.78
CA ALA B 178 20.02 -25.35 4.09
C ALA B 178 19.70 -24.04 4.78
N VAL B 179 20.66 -23.13 4.78
CA VAL B 179 20.42 -21.76 5.18
C VAL B 179 20.11 -20.91 3.95
N LEU B 180 19.21 -19.93 4.12
CA LEU B 180 18.98 -18.97 3.06
C LEU B 180 19.75 -17.69 3.37
N GLN B 181 20.84 -17.47 2.64
CA GLN B 181 21.69 -16.31 2.85
C GLN B 181 20.97 -15.04 2.43
N SER B 182 21.46 -13.90 2.91
CA SER B 182 20.88 -12.61 2.57
C SER B 182 20.97 -12.32 1.08
N SER B 183 21.89 -13.00 0.40
CA SER B 183 22.05 -12.86 -1.05
C SER B 183 20.84 -13.41 -1.81
N GLY B 184 20.12 -14.33 -1.18
CA GLY B 184 18.94 -14.92 -1.78
C GLY B 184 19.17 -16.35 -2.25
N LEU B 185 20.40 -16.83 -2.06
CA LEU B 185 20.80 -18.17 -2.49
C LEU B 185 20.97 -19.12 -1.31
N TYR B 186 20.59 -20.38 -1.50
CA TYR B 186 20.69 -21.36 -0.42
C TYR B 186 22.08 -21.93 -0.27
N SER B 187 22.38 -22.39 0.95
CA SER B 187 23.63 -23.04 1.25
C SER B 187 23.44 -24.13 2.32
N LEU B 188 23.99 -25.31 2.10
CA LEU B 188 24.01 -26.33 3.14
C LEU B 188 25.36 -27.03 3.15
N SER B 189 25.53 -27.96 4.08
CA SER B 189 26.77 -28.72 4.18
C SER B 189 26.48 -30.19 4.45
N SER B 190 27.29 -31.07 3.87
CA SER B 190 27.20 -32.49 4.15
C SER B 190 28.52 -32.97 4.73
N VAL B 191 28.49 -33.45 5.97
CA VAL B 191 29.71 -33.87 6.65
C VAL B 191 29.69 -35.36 6.97
N VAL B 192 30.86 -35.98 6.93
CA VAL B 192 30.99 -37.39 7.29
C VAL B 192 32.09 -37.59 8.34
N THR B 193 31.73 -38.24 9.43
CA THR B 193 32.66 -38.46 10.54
C THR B 193 33.40 -39.79 10.35
N VAL B 194 34.70 -39.69 10.15
CA VAL B 194 35.53 -40.86 9.85
C VAL B 194 36.64 -41.06 10.88
N PRO B 195 37.14 -42.29 11.01
CA PRO B 195 38.32 -42.53 11.86
C PRO B 195 39.53 -41.83 11.27
N SER B 196 40.35 -41.22 12.12
CA SER B 196 41.49 -40.44 11.66
C SER B 196 42.55 -41.28 10.94
N SER B 197 42.47 -42.60 11.09
CA SER B 197 43.44 -43.50 10.48
C SER B 197 43.18 -43.72 8.99
N SER B 198 41.91 -43.58 8.60
CA SER B 198 41.50 -43.81 7.22
C SER B 198 41.79 -42.64 6.27
N LEU B 199 42.20 -41.50 6.83
CA LEU B 199 42.39 -40.28 6.02
C LEU B 199 43.47 -40.39 4.94
N GLY B 200 44.48 -41.22 5.17
CA GLY B 200 45.52 -41.37 4.17
C GLY B 200 45.39 -42.62 3.31
N THR B 201 44.58 -43.57 3.77
CA THR B 201 44.37 -44.81 3.03
C THR B 201 43.06 -44.90 2.24
N GLN B 202 42.23 -43.86 2.31
CA GLN B 202 40.89 -43.95 1.71
C GLN B 202 40.43 -42.63 1.09
N THR B 203 39.74 -42.74 -0.05
CA THR B 203 39.27 -41.58 -0.78
C THR B 203 37.77 -41.34 -0.58
N TYR B 204 37.41 -40.08 -0.33
CA TYR B 204 36.03 -39.69 -0.08
C TYR B 204 35.48 -38.75 -1.15
N ILE B 205 34.36 -39.13 -1.76
CA ILE B 205 33.74 -38.31 -2.80
C ILE B 205 32.29 -38.02 -2.44
N CYS B 206 31.91 -36.75 -2.40
CA CYS B 206 30.52 -36.39 -2.16
C CYS B 206 29.79 -36.20 -3.49
N ASN B 207 28.55 -36.66 -3.54
CA ASN B 207 27.76 -36.57 -4.77
C ASN B 207 26.61 -35.60 -4.60
N VAL B 208 26.74 -34.44 -5.24
CA VAL B 208 25.76 -33.37 -5.09
C VAL B 208 24.81 -33.34 -6.29
N ASN B 209 23.51 -33.27 -6.00
CA ASN B 209 22.51 -33.27 -7.05
C ASN B 209 21.53 -32.13 -6.88
N HIS B 210 21.48 -31.24 -7.86
CA HIS B 210 20.46 -30.20 -7.85
C HIS B 210 19.56 -30.42 -9.05
N LYS B 211 18.39 -30.98 -8.78
CA LYS B 211 17.41 -31.33 -9.80
C LYS B 211 16.73 -30.15 -10.51
N PRO B 212 16.41 -29.06 -9.78
CA PRO B 212 15.86 -27.92 -10.50
C PRO B 212 16.76 -27.35 -11.59
N SER B 213 18.07 -27.33 -11.38
CA SER B 213 19.00 -26.86 -12.41
C SER B 213 19.65 -27.99 -13.20
N ASN B 214 19.30 -29.23 -12.86
CA ASN B 214 19.87 -30.44 -13.46
C ASN B 214 21.40 -30.41 -13.41
N THR B 215 21.90 -30.10 -12.22
CA THR B 215 23.33 -30.06 -11.94
C THR B 215 23.73 -31.24 -11.07
N LYS B 216 24.70 -32.02 -11.55
CA LYS B 216 25.26 -33.12 -10.77
C LYS B 216 26.76 -32.93 -10.61
N VAL B 217 27.20 -32.73 -9.37
CA VAL B 217 28.60 -32.44 -9.09
C VAL B 217 29.23 -33.51 -8.20
N ASP B 218 30.38 -34.04 -8.62
CA ASP B 218 31.17 -34.95 -7.80
C ASP B 218 32.47 -34.27 -7.37
N LYS B 219 32.69 -34.16 -6.06
CA LYS B 219 33.89 -33.51 -5.53
C LYS B 219 34.61 -34.42 -4.54
N ARG B 220 35.91 -34.61 -4.75
CA ARG B 220 36.72 -35.42 -3.84
C ARG B 220 37.35 -34.56 -2.74
N VAL B 221 37.27 -35.04 -1.51
CA VAL B 221 37.84 -34.33 -0.37
C VAL B 221 39.13 -35.00 0.11
N GLU B 222 40.22 -34.24 0.11
CA GLU B 222 41.52 -34.76 0.49
C GLU B 222 42.06 -33.99 1.69
N LEU B 223 43.25 -34.38 2.16
CA LEU B 223 43.86 -33.71 3.30
C LEU B 223 44.47 -32.37 2.91
N LYS C 1 -36.04 19.94 27.29
CA LYS C 1 -36.55 18.81 26.51
C LYS C 1 -36.40 17.48 27.23
N PRO C 2 -37.47 16.67 27.21
CA PRO C 2 -37.52 15.33 27.82
C PRO C 2 -36.62 14.31 27.12
N LEU C 3 -35.90 13.52 27.92
CA LEU C 3 -35.01 12.50 27.36
C LEU C 3 -35.75 11.18 27.21
N ILE C 4 -35.98 10.79 25.96
CA ILE C 4 -36.66 9.53 25.66
C ILE C 4 -35.65 8.51 25.15
N LEU C 5 -35.47 7.45 25.93
CA LEU C 5 -34.51 6.40 25.62
C LEU C 5 -35.11 5.36 24.69
N ARG C 6 -34.50 5.21 23.52
CA ARG C 6 -35.06 4.29 22.52
C ARG C 6 -34.74 2.84 22.85
N ASP C 7 -33.46 2.50 22.89
CA ASP C 7 -33.05 1.10 23.14
C ASP C 7 -32.51 0.83 24.55
N CYS C 8 -32.35 1.87 25.36
CA CYS C 8 -31.60 1.73 26.60
C CYS C 8 -32.45 1.96 27.85
N SER C 9 -32.06 1.35 28.97
CA SER C 9 -32.75 1.57 30.23
C SER C 9 -32.17 2.79 30.93
N VAL C 10 -32.77 3.18 32.05
CA VAL C 10 -32.27 4.31 32.83
C VAL C 10 -30.93 3.95 33.46
N ALA C 11 -30.86 2.75 34.03
CA ALA C 11 -29.64 2.26 34.65
C ALA C 11 -28.48 2.22 33.65
N GLY C 12 -28.74 1.64 32.49
CA GLY C 12 -27.70 1.49 31.49
C GLY C 12 -27.16 2.81 30.99
N TRP C 13 -28.05 3.78 30.83
CA TRP C 13 -27.66 5.09 30.31
C TRP C 13 -26.94 5.97 31.32
N LEU C 14 -27.38 5.92 32.57
CA LEU C 14 -26.74 6.67 33.64
C LEU C 14 -25.32 6.16 33.86
N LEU C 15 -25.17 4.85 33.82
CA LEU C 15 -23.86 4.23 34.00
C LEU C 15 -23.01 4.41 32.74
N GLY C 16 -23.67 4.66 31.62
CA GLY C 16 -22.99 4.82 30.33
C GLY C 16 -22.61 3.52 29.65
N ASN C 17 -23.56 2.60 29.59
CA ASN C 17 -23.39 1.31 28.92
C ASN C 17 -23.10 1.48 27.42
N PRO C 18 -21.97 0.94 26.95
CA PRO C 18 -21.49 1.04 25.56
C PRO C 18 -22.48 0.50 24.55
N MET C 19 -23.32 -0.45 24.96
CA MET C 19 -24.29 -1.05 24.06
C MET C 19 -25.44 -0.11 23.75
N CYS C 20 -25.61 0.95 24.53
CA CYS C 20 -26.65 1.90 24.16
C CYS C 20 -25.94 3.14 23.67
N ASP C 21 -25.82 3.21 22.35
CA ASP C 21 -25.31 4.38 21.69
C ASP C 21 -26.43 4.91 20.83
N GLU C 22 -27.02 6.02 21.25
CA GLU C 22 -28.05 6.66 20.46
C GLU C 22 -27.63 8.10 20.27
N PHE C 23 -27.97 8.66 19.11
CA PHE C 23 -27.46 9.97 18.79
C PHE C 23 -28.08 11.04 19.68
N ILE C 24 -27.22 11.76 20.38
CA ILE C 24 -27.67 12.89 21.17
C ILE C 24 -26.84 14.12 20.83
N ASN C 25 -27.46 15.08 20.16
CA ASN C 25 -26.78 16.33 19.80
C ASN C 25 -26.80 17.36 20.92
N VAL C 26 -27.95 17.51 21.59
CA VAL C 26 -28.12 18.50 22.64
C VAL C 26 -28.04 17.86 24.02
N PRO C 27 -27.09 18.33 24.85
CA PRO C 27 -26.80 17.69 26.13
C PRO C 27 -27.56 18.23 27.36
N GLU C 28 -28.59 19.05 27.15
CA GLU C 28 -29.46 19.47 28.26
C GLU C 28 -30.82 18.78 28.20
N TRP C 29 -31.36 18.43 29.36
CA TRP C 29 -32.64 17.74 29.46
C TRP C 29 -33.55 18.26 30.55
N SER C 30 -34.79 17.81 30.53
CA SER C 30 -35.74 18.09 31.59
C SER C 30 -35.87 16.86 32.48
N TYR C 31 -36.35 15.76 31.91
CA TYR C 31 -36.55 14.52 32.67
C TYR C 31 -36.25 13.28 31.83
N ILE C 32 -36.31 12.12 32.47
CA ILE C 32 -35.97 10.86 31.83
C ILE C 32 -37.15 9.89 31.86
N VAL C 33 -37.44 9.26 30.72
CA VAL C 33 -38.55 8.33 30.62
C VAL C 33 -38.13 7.01 29.98
N GLU C 34 -38.61 5.90 30.53
CA GLU C 34 -38.34 4.58 29.98
C GLU C 34 -39.64 3.96 29.45
N LYS C 35 -39.62 3.56 28.17
CA LYS C 35 -40.81 3.03 27.53
C LYS C 35 -40.69 1.52 27.36
N ALA C 36 -41.74 0.79 27.73
CA ALA C 36 -41.84 -0.65 27.54
C ALA C 36 -40.64 -1.40 28.11
N ASN C 37 -40.09 -2.34 27.34
CA ASN C 37 -38.94 -3.11 27.75
C ASN C 37 -37.68 -2.69 27.00
N PRO C 38 -36.66 -2.24 27.75
CA PRO C 38 -35.39 -1.80 27.16
C PRO C 38 -34.58 -2.96 26.59
N VAL C 39 -33.95 -2.74 25.44
CA VAL C 39 -33.12 -3.75 24.80
C VAL C 39 -31.86 -4.06 25.62
N ASN C 40 -31.27 -3.02 26.22
CA ASN C 40 -30.08 -3.19 27.06
C ASN C 40 -30.24 -2.56 28.44
N ASP C 41 -30.19 -3.38 29.48
CA ASP C 41 -30.28 -2.88 30.84
C ASP C 41 -28.88 -2.70 31.43
N LEU C 42 -28.17 -3.80 31.63
CA LEU C 42 -26.81 -3.76 32.15
C LEU C 42 -25.92 -4.71 31.35
N CYS C 43 -24.87 -4.19 30.73
CA CYS C 43 -24.01 -5.00 29.88
C CYS C 43 -23.14 -5.92 30.73
N TYR C 44 -22.55 -5.40 31.81
CA TYR C 44 -21.95 -6.26 32.82
C TYR C 44 -23.05 -6.71 33.77
N PRO C 45 -23.30 -8.03 33.85
CA PRO C 45 -24.42 -8.55 34.66
C PRO C 45 -24.34 -8.12 36.12
N GLY C 46 -25.49 -7.92 36.75
CA GLY C 46 -25.54 -7.49 38.14
C GLY C 46 -26.88 -6.89 38.52
N ASP C 47 -26.88 -6.05 39.55
CA ASP C 47 -28.12 -5.47 40.06
C ASP C 47 -28.01 -3.97 40.30
N PHE C 48 -29.15 -3.28 40.24
CA PHE C 48 -29.20 -1.85 40.51
C PHE C 48 -30.12 -1.54 41.71
N ASN C 49 -29.54 -1.14 42.84
CA ASN C 49 -30.30 -0.91 44.07
C ASN C 49 -31.22 0.30 44.01
N ASP C 50 -32.42 0.16 44.57
CA ASP C 50 -33.42 1.24 44.64
C ASP C 50 -33.72 1.84 43.27
N TYR C 51 -33.89 0.98 42.28
CA TYR C 51 -34.10 1.40 40.90
C TYR C 51 -35.46 2.08 40.69
N GLU C 52 -36.49 1.50 41.28
CA GLU C 52 -37.85 2.02 41.13
C GLU C 52 -37.96 3.43 41.72
N GLU C 53 -37.36 3.62 42.88
CA GLU C 53 -37.35 4.92 43.53
C GLU C 53 -36.61 5.95 42.69
N LEU C 54 -35.55 5.51 42.02
CA LEU C 54 -34.73 6.39 41.19
C LEU C 54 -35.44 6.80 39.89
N LYS C 55 -36.18 5.87 39.29
CA LYS C 55 -36.91 6.17 38.06
C LYS C 55 -38.03 7.18 38.30
N HIS C 56 -38.73 7.02 39.43
CA HIS C 56 -39.77 7.97 39.82
C HIS C 56 -39.20 9.37 40.04
N LEU C 57 -38.01 9.44 40.63
CA LEU C 57 -37.39 10.71 40.92
C LEU C 57 -36.98 11.43 39.64
N LEU C 58 -36.45 10.67 38.68
CA LEU C 58 -35.94 11.26 37.45
C LEU C 58 -37.06 11.63 36.48
N SER C 59 -38.28 11.16 36.75
CA SER C 59 -39.44 11.58 35.98
C SER C 59 -40.15 12.71 36.71
N ARG C 60 -39.65 13.03 37.90
CA ARG C 60 -40.23 14.04 38.77
C ARG C 60 -39.46 15.35 38.69
N ILE C 61 -38.40 15.35 37.88
CA ILE C 61 -37.52 16.51 37.73
C ILE C 61 -37.77 17.29 36.44
N ASN C 62 -37.59 18.61 36.50
CA ASN C 62 -37.73 19.43 35.29
C ASN C 62 -36.41 19.89 34.64
N HIS C 63 -35.27 19.53 35.23
CA HIS C 63 -33.96 19.85 34.61
C HIS C 63 -32.90 18.77 34.89
N PHE C 64 -32.17 18.36 33.84
CA PHE C 64 -31.21 17.27 33.96
C PHE C 64 -29.91 17.55 33.20
N GLU C 65 -28.79 17.58 33.92
CA GLU C 65 -27.50 17.94 33.31
C GLU C 65 -26.35 17.06 33.81
N LYS C 66 -25.62 16.46 32.87
CA LYS C 66 -24.46 15.63 33.19
C LYS C 66 -23.20 16.46 33.45
N ILE C 67 -22.37 16.02 34.39
CA ILE C 67 -21.16 16.77 34.75
C ILE C 67 -20.09 15.82 35.29
N GLN C 68 -18.82 16.17 35.10
CA GLN C 68 -17.71 15.35 35.58
C GLN C 68 -17.22 15.79 36.96
N ILE C 69 -17.49 14.98 37.98
CA ILE C 69 -17.05 15.29 39.35
C ILE C 69 -15.66 14.76 39.71
N ILE C 70 -15.33 13.55 39.25
CA ILE C 70 -14.04 12.92 39.55
C ILE C 70 -13.35 12.41 38.28
N PRO C 71 -12.44 13.22 37.72
CA PRO C 71 -11.73 12.87 36.48
C PRO C 71 -10.97 11.54 36.62
N LYS C 72 -11.03 10.72 35.57
CA LYS C 72 -10.46 9.38 35.58
C LYS C 72 -8.93 9.42 35.65
N SER C 73 -8.35 10.54 35.25
CA SER C 73 -6.90 10.72 35.30
C SER C 73 -6.44 11.13 36.70
N SER C 74 -7.38 11.41 37.59
CA SER C 74 -7.04 11.85 38.94
C SER C 74 -6.63 10.66 39.80
N TRP C 75 -6.78 9.46 39.27
CA TRP C 75 -6.31 8.31 40.00
C TRP C 75 -4.89 8.02 39.53
N SER C 76 -3.92 8.48 40.31
CA SER C 76 -2.52 8.21 40.01
C SER C 76 -2.02 7.06 40.88
N SER C 77 -2.88 6.62 41.79
CA SER C 77 -2.52 5.57 42.72
C SER C 77 -2.93 4.19 42.22
N HIS C 78 -3.81 4.15 41.22
CA HIS C 78 -4.38 2.89 40.71
C HIS C 78 -4.53 2.90 39.19
N GLU C 79 -5.05 1.80 38.64
CA GLU C 79 -5.24 1.68 37.19
C GLU C 79 -6.71 1.86 36.79
N ALA C 80 -7.01 2.97 36.12
CA ALA C 80 -8.39 3.33 35.82
C ALA C 80 -8.84 3.01 34.40
N SER C 81 -7.93 2.51 33.57
CA SER C 81 -8.24 2.32 32.17
C SER C 81 -8.26 0.86 31.75
N LEU C 82 -7.49 0.03 32.44
CA LEU C 82 -7.35 -1.36 32.03
C LEU C 82 -8.49 -2.27 32.48
N GLY C 83 -9.26 -1.88 33.49
CA GLY C 83 -10.38 -2.72 33.87
C GLY C 83 -11.45 -2.68 32.79
N VAL C 84 -11.61 -3.79 32.10
CA VAL C 84 -12.55 -3.91 30.99
C VAL C 84 -13.09 -5.32 30.89
N SER C 85 -14.19 -5.49 30.17
CA SER C 85 -14.80 -6.81 30.00
C SER C 85 -15.37 -7.03 28.60
N SER C 86 -15.43 -8.29 28.18
CA SER C 86 -15.99 -8.63 26.88
C SER C 86 -17.50 -8.47 26.86
N ALA C 87 -18.11 -8.44 28.03
CA ALA C 87 -19.57 -8.27 28.12
C ALA C 87 -19.98 -6.84 27.81
N CYS C 88 -19.01 -5.94 27.80
CA CYS C 88 -19.26 -4.53 27.48
C CYS C 88 -18.32 -4.10 26.36
N PRO C 89 -18.63 -4.53 25.13
CA PRO C 89 -17.69 -4.28 24.04
C PRO C 89 -17.83 -2.86 23.49
N TYR C 90 -16.74 -2.33 22.96
CA TYR C 90 -16.79 -1.12 22.16
C TYR C 90 -15.82 -1.24 20.99
N GLN C 91 -16.36 -1.12 19.78
CA GLN C 91 -15.56 -1.30 18.56
C GLN C 91 -14.83 -2.63 18.55
N GLY C 92 -15.53 -3.68 19.01
CA GLY C 92 -14.98 -5.01 18.96
C GLY C 92 -14.05 -5.37 20.10
N LYS C 93 -13.58 -4.38 20.84
CA LYS C 93 -12.66 -4.63 21.93
C LYS C 93 -13.38 -4.57 23.28
N SER C 94 -12.68 -4.94 24.35
CA SER C 94 -13.27 -4.91 25.68
C SER C 94 -13.39 -3.48 26.20
N SER C 95 -14.47 -3.21 26.93
CA SER C 95 -14.69 -1.88 27.49
C SER C 95 -15.56 -1.98 28.75
N PHE C 96 -16.02 -0.84 29.24
CA PHE C 96 -16.83 -0.80 30.46
C PHE C 96 -17.84 0.34 30.38
N PHE C 97 -18.69 0.46 31.39
CA PHE C 97 -19.55 1.64 31.54
C PHE C 97 -18.70 2.90 31.48
N ARG C 98 -19.17 3.90 30.76
CA ARG C 98 -18.37 5.10 30.50
C ARG C 98 -18.37 6.07 31.69
N ASN C 99 -19.49 6.13 32.40
CA ASN C 99 -19.65 7.11 33.46
C ASN C 99 -19.12 6.67 34.81
N VAL C 100 -18.75 5.40 34.90
CA VAL C 100 -18.19 4.84 36.13
C VAL C 100 -16.87 4.14 35.82
N VAL C 101 -15.93 4.22 36.76
CA VAL C 101 -14.58 3.72 36.55
C VAL C 101 -14.28 2.42 37.30
N TRP C 102 -13.80 1.42 36.58
CA TRP C 102 -13.44 0.16 37.21
C TRP C 102 -11.97 0.23 37.60
N LEU C 103 -11.71 0.42 38.88
CA LEU C 103 -10.35 0.53 39.39
C LEU C 103 -9.75 -0.83 39.68
N ILE C 104 -8.58 -1.09 39.11
CA ILE C 104 -7.87 -2.34 39.37
C ILE C 104 -6.45 -2.00 39.82
N LYS C 105 -5.68 -3.03 40.18
CA LYS C 105 -4.37 -2.81 40.77
C LYS C 105 -3.34 -2.30 39.76
N LYS C 106 -2.55 -1.31 40.19
CA LYS C 106 -1.39 -0.88 39.43
C LYS C 106 -0.18 -1.62 39.95
N ASN C 107 0.53 -2.27 39.03
CA ASN C 107 1.61 -3.20 39.37
C ASN C 107 1.11 -4.30 40.29
N SER C 108 1.84 -4.52 41.39
CA SER C 108 1.50 -5.56 42.33
C SER C 108 0.73 -5.04 43.55
N ALA C 109 0.22 -3.81 43.49
CA ALA C 109 -0.41 -3.22 44.67
C ALA C 109 -1.71 -2.48 44.40
N TYR C 110 -2.58 -2.49 45.40
CA TYR C 110 -3.83 -1.72 45.39
C TYR C 110 -3.94 -0.98 46.73
N PRO C 111 -3.31 0.21 46.81
CA PRO C 111 -3.36 1.03 48.03
C PRO C 111 -4.79 1.40 48.42
N THR C 112 -5.01 1.69 49.70
CA THR C 112 -6.33 2.06 50.17
C THR C 112 -6.71 3.46 49.67
N ILE C 113 -7.87 3.55 49.05
CA ILE C 113 -8.37 4.83 48.54
C ILE C 113 -9.14 5.64 49.57
N LYS C 114 -8.68 6.85 49.85
CA LYS C 114 -9.50 7.81 50.59
C LYS C 114 -9.69 9.06 49.73
N ARG C 115 -10.91 9.20 49.22
CA ARG C 115 -11.26 10.28 48.31
C ARG C 115 -12.58 10.91 48.74
N SER C 116 -12.65 12.23 48.67
CA SER C 116 -13.86 12.95 49.04
C SER C 116 -14.22 13.97 47.96
N TYR C 117 -15.50 14.02 47.61
CA TYR C 117 -15.99 15.04 46.71
C TYR C 117 -17.07 15.85 47.40
N ASN C 118 -16.91 17.17 47.36
CA ASN C 118 -17.87 18.07 47.97
C ASN C 118 -18.73 18.69 46.89
N ASN C 119 -20.05 18.59 47.02
CA ASN C 119 -20.90 19.20 46.02
C ASN C 119 -20.75 20.70 46.17
N THR C 120 -20.18 21.33 45.15
CA THR C 120 -20.01 22.78 45.12
C THR C 120 -21.02 23.45 44.19
N ASN C 121 -21.96 22.65 43.68
CA ASN C 121 -22.98 23.18 42.79
C ASN C 121 -24.17 23.77 43.55
N GLN C 122 -25.10 24.37 42.82
CA GLN C 122 -26.32 24.90 43.41
C GLN C 122 -27.48 23.93 43.25
N GLU C 123 -27.19 22.75 42.71
CA GLU C 123 -28.22 21.75 42.44
C GLU C 123 -27.91 20.45 43.17
N ASP C 124 -28.95 19.63 43.36
CA ASP C 124 -28.75 18.30 43.90
C ASP C 124 -27.97 17.45 42.89
N LEU C 125 -27.09 16.59 43.39
CA LEU C 125 -26.29 15.73 42.53
C LEU C 125 -26.68 14.27 42.64
N LEU C 126 -26.96 13.66 41.50
CA LEU C 126 -27.16 12.22 41.46
C LEU C 126 -25.79 11.58 41.33
N VAL C 127 -25.39 10.80 42.33
CA VAL C 127 -24.10 10.13 42.29
C VAL C 127 -24.26 8.61 42.29
N LEU C 128 -23.55 7.95 41.37
CA LEU C 128 -23.60 6.50 41.26
C LEU C 128 -22.23 5.86 41.49
N TRP C 129 -22.22 4.70 42.15
CA TRP C 129 -21.01 3.91 42.29
C TRP C 129 -21.38 2.44 42.32
N GLY C 130 -20.38 1.57 42.42
CA GLY C 130 -20.66 0.15 42.40
C GLY C 130 -19.65 -0.72 43.12
N ILE C 131 -20.01 -1.98 43.29
CA ILE C 131 -19.09 -2.97 43.84
C ILE C 131 -19.04 -4.13 42.87
N HIS C 132 -17.86 -4.71 42.70
CA HIS C 132 -17.71 -5.86 41.85
C HIS C 132 -17.58 -7.13 42.67
N HIS C 133 -18.43 -8.11 42.37
CA HIS C 133 -18.32 -9.40 43.04
C HIS C 133 -17.62 -10.42 42.14
N PRO C 134 -16.34 -10.68 42.40
CA PRO C 134 -15.52 -11.54 41.54
C PRO C 134 -15.97 -13.01 41.52
N ASN C 135 -15.50 -13.72 40.49
CA ASN C 135 -15.90 -15.10 40.23
C ASN C 135 -15.41 -16.09 41.29
N ASP C 136 -14.12 -16.03 41.59
CA ASP C 136 -13.53 -16.88 42.63
C ASP C 136 -12.36 -16.17 43.29
N ALA C 137 -11.66 -16.86 44.18
CA ALA C 137 -10.53 -16.25 44.89
C ALA C 137 -9.42 -15.85 43.92
N ALA C 138 -9.23 -16.66 42.87
CA ALA C 138 -8.20 -16.40 41.87
C ALA C 138 -8.43 -15.09 41.14
N GLU C 139 -9.68 -14.79 40.82
CA GLU C 139 -10.01 -13.57 40.09
C GLU C 139 -9.86 -12.35 40.98
N GLN C 140 -10.19 -12.52 42.26
CA GLN C 140 -10.02 -11.47 43.25
C GLN C 140 -8.56 -11.02 43.30
N THR C 141 -7.65 -11.98 43.44
CA THR C 141 -6.23 -11.69 43.50
C THR C 141 -5.74 -11.07 42.19
N LYS C 142 -6.30 -11.51 41.09
CA LYS C 142 -5.88 -11.04 39.77
C LYS C 142 -6.17 -9.55 39.63
N LEU C 143 -7.38 -9.15 40.02
CA LEU C 143 -7.80 -7.78 39.87
C LEU C 143 -7.25 -6.88 40.98
N TYR C 144 -7.27 -7.40 42.21
CA TYR C 144 -6.80 -6.66 43.38
C TYR C 144 -5.98 -7.59 44.28
N GLN C 145 -4.74 -7.22 44.57
CA GLN C 145 -3.84 -8.11 45.30
C GLN C 145 -4.38 -8.49 46.68
N ASN C 146 -5.18 -7.61 47.26
CA ASN C 146 -5.72 -7.82 48.60
C ASN C 146 -6.89 -8.80 48.59
N PRO C 147 -6.78 -9.90 49.35
CA PRO C 147 -7.85 -10.90 49.40
C PRO C 147 -9.12 -10.41 50.10
N THR C 148 -8.97 -9.73 51.22
CA THR C 148 -10.12 -9.27 52.00
C THR C 148 -10.31 -7.77 51.82
N THR C 149 -11.45 -7.39 51.23
CA THR C 149 -11.67 -6.00 50.83
C THR C 149 -13.01 -5.42 51.27
N TYR C 150 -13.13 -4.10 51.14
CA TYR C 150 -14.32 -3.39 51.57
C TYR C 150 -14.52 -2.10 50.77
N ILE C 151 -15.75 -1.58 50.80
CA ILE C 151 -16.07 -0.28 50.23
C ILE C 151 -16.92 0.50 51.24
N SER C 152 -16.44 1.67 51.64
CA SER C 152 -17.18 2.53 52.53
C SER C 152 -17.62 3.79 51.80
N VAL C 153 -18.92 4.10 51.85
CA VAL C 153 -19.40 5.35 51.28
C VAL C 153 -20.18 6.15 52.31
N GLY C 154 -19.62 7.27 52.75
CA GLY C 154 -20.32 8.12 53.69
C GLY C 154 -20.95 9.35 53.06
N THR C 155 -22.07 9.77 53.64
CA THR C 155 -22.66 11.08 53.36
C THR C 155 -23.40 11.45 54.66
N SER C 156 -23.77 12.71 54.83
CA SER C 156 -24.44 13.10 56.07
C SER C 156 -25.74 12.32 56.30
N THR C 157 -26.37 11.90 55.21
CA THR C 157 -27.61 11.12 55.27
C THR C 157 -27.45 9.61 55.01
N LEU C 158 -26.21 9.12 54.86
CA LEU C 158 -25.99 7.73 54.49
C LEU C 158 -24.72 7.14 55.09
N ASN C 159 -24.79 5.90 55.56
CA ASN C 159 -23.59 5.18 55.96
C ASN C 159 -23.59 3.78 55.36
N GLN C 160 -22.69 3.54 54.42
CA GLN C 160 -22.67 2.28 53.70
C GLN C 160 -21.33 1.56 53.79
N ARG C 161 -21.37 0.26 54.00
CA ARG C 161 -20.17 -0.57 53.96
C ARG C 161 -20.44 -1.85 53.18
N LEU C 162 -19.68 -2.06 52.12
CA LEU C 162 -19.92 -3.21 51.25
C LEU C 162 -18.74 -4.18 51.29
N VAL C 163 -19.04 -5.47 51.41
CA VAL C 163 -18.02 -6.51 51.27
C VAL C 163 -18.37 -7.40 50.09
N PRO C 164 -17.47 -7.45 49.09
CA PRO C 164 -17.75 -8.25 47.89
C PRO C 164 -18.01 -9.71 48.22
N ARG C 165 -19.06 -10.27 47.62
CA ARG C 165 -19.37 -11.67 47.77
C ARG C 165 -18.71 -12.45 46.65
N ILE C 166 -17.66 -13.19 46.98
CA ILE C 166 -16.98 -13.97 45.97
C ILE C 166 -17.72 -15.29 45.78
N ALA C 167 -18.32 -15.43 44.59
CA ALA C 167 -19.09 -16.63 44.26
C ALA C 167 -19.21 -16.79 42.74
N THR C 168 -19.33 -18.03 42.29
CA THR C 168 -19.57 -18.31 40.87
C THR C 168 -21.06 -18.31 40.57
N ARG C 169 -21.47 -17.48 39.60
CA ARG C 169 -22.88 -17.34 39.27
C ARG C 169 -23.16 -17.80 37.83
N SER C 170 -24.43 -17.79 37.45
CA SER C 170 -24.84 -18.20 36.11
C SER C 170 -24.23 -17.26 35.06
N LYS C 171 -23.86 -17.79 33.90
CA LYS C 171 -23.21 -16.94 32.92
C LYS C 171 -24.24 -16.10 32.17
N VAL C 172 -24.14 -14.78 32.37
CA VAL C 172 -24.95 -13.81 31.64
C VAL C 172 -24.02 -12.92 30.82
N ASN C 173 -24.29 -12.82 29.52
CA ASN C 173 -23.42 -12.11 28.59
C ASN C 173 -21.97 -12.59 28.67
N GLY C 174 -21.81 -13.86 29.03
CA GLY C 174 -20.50 -14.50 29.06
C GLY C 174 -19.80 -14.47 30.40
N LEU C 175 -20.40 -13.83 31.40
CA LEU C 175 -19.73 -13.67 32.69
C LEU C 175 -20.40 -14.35 33.86
N SER C 176 -19.58 -14.97 34.71
CA SER C 176 -20.07 -15.65 35.90
C SER C 176 -19.94 -14.78 37.15
N SER C 177 -19.44 -13.56 36.98
CA SER C 177 -19.36 -12.60 38.08
C SER C 177 -20.47 -11.55 37.97
N ARG C 178 -20.54 -10.66 38.96
CA ARG C 178 -21.60 -9.66 38.98
C ARG C 178 -21.10 -8.30 39.42
N MET C 179 -21.94 -7.28 39.21
CA MET C 179 -21.65 -5.95 39.71
C MET C 179 -22.90 -5.30 40.29
N GLU C 180 -22.80 -4.81 41.51
CA GLU C 180 -23.92 -4.18 42.17
C GLU C 180 -23.72 -2.67 42.18
N PHE C 181 -24.74 -1.93 41.78
CA PHE C 181 -24.62 -0.47 41.69
C PHE C 181 -25.54 0.24 42.67
N PHE C 182 -25.04 1.34 43.21
CA PHE C 182 -25.75 2.11 44.22
C PHE C 182 -25.80 3.59 43.84
N TRP C 183 -26.78 4.30 44.38
CA TRP C 183 -26.91 5.72 44.10
C TRP C 183 -27.40 6.49 45.33
N THR C 184 -27.14 7.79 45.32
CA THR C 184 -27.64 8.68 46.36
C THR C 184 -27.73 10.09 45.81
N ILE C 185 -28.46 10.95 46.51
CA ILE C 185 -28.53 12.35 46.14
C ILE C 185 -27.68 13.16 47.11
N LEU C 186 -26.68 13.85 46.55
CA LEU C 186 -25.77 14.67 47.33
C LEU C 186 -26.29 16.11 47.38
N LYS C 187 -26.62 16.56 48.59
CA LYS C 187 -27.15 17.92 48.78
C LYS C 187 -26.11 18.98 48.43
N PRO C 188 -26.56 20.15 47.96
CA PRO C 188 -25.68 21.18 47.41
C PRO C 188 -24.51 21.62 48.27
N ASN C 189 -24.58 21.47 49.59
CA ASN C 189 -23.40 21.70 50.40
C ASN C 189 -22.75 20.44 50.98
N ASP C 190 -23.38 19.29 50.77
CA ASP C 190 -22.92 18.06 51.39
C ASP C 190 -21.78 17.41 50.60
N ALA C 191 -20.97 16.62 51.29
CA ALA C 191 -19.85 15.92 50.65
C ALA C 191 -19.99 14.41 50.80
N ILE C 192 -19.61 13.68 49.76
CA ILE C 192 -19.63 12.22 49.78
C ILE C 192 -18.21 11.68 50.02
N ASN C 193 -18.10 10.64 50.85
CA ASN C 193 -16.78 10.11 51.20
C ASN C 193 -16.62 8.65 50.80
N PHE C 194 -15.51 8.34 50.14
CA PHE C 194 -15.22 6.97 49.71
C PHE C 194 -13.99 6.40 50.40
N GLU C 195 -14.07 5.14 50.80
CA GLU C 195 -12.89 4.40 51.24
C GLU C 195 -12.95 2.97 50.71
N SER C 196 -11.88 2.52 50.04
CA SER C 196 -11.82 1.14 49.57
C SER C 196 -10.40 0.62 49.40
N ASN C 197 -10.19 -0.64 49.78
CA ASN C 197 -8.97 -1.35 49.49
C ASN C 197 -9.14 -2.35 48.34
N GLY C 198 -10.29 -2.31 47.67
CA GLY C 198 -10.53 -3.18 46.53
C GLY C 198 -11.96 -3.28 46.04
N ASN C 199 -12.14 -3.82 44.84
CA ASN C 199 -13.46 -4.09 44.24
C ASN C 199 -14.33 -2.86 44.06
N PHE C 200 -13.72 -1.68 44.01
CA PHE C 200 -14.44 -0.43 43.96
C PHE C 200 -14.67 0.04 42.53
N ILE C 201 -15.93 0.31 42.20
CA ILE C 201 -16.23 0.91 40.91
C ILE C 201 -16.56 2.39 41.14
N ALA C 202 -15.60 3.25 40.81
CA ALA C 202 -15.63 4.66 41.19
C ALA C 202 -16.39 5.54 40.20
N PRO C 203 -17.12 6.53 40.70
CA PRO C 203 -17.79 7.52 39.85
C PRO C 203 -16.83 8.44 39.11
N GLU C 204 -17.20 8.81 37.90
CA GLU C 204 -16.50 9.85 37.15
C GLU C 204 -17.47 10.98 36.86
N TYR C 205 -18.59 10.62 36.23
CA TYR C 205 -19.63 11.59 35.90
C TYR C 205 -20.82 11.45 36.84
N ALA C 206 -21.44 12.58 37.17
CA ALA C 206 -22.65 12.63 37.97
C ALA C 206 -23.70 13.47 37.27
N TYR C 207 -24.88 13.62 37.86
CA TYR C 207 -25.95 14.35 37.19
C TYR C 207 -26.61 15.39 38.09
N LYS C 208 -26.51 16.66 37.69
CA LYS C 208 -27.19 17.76 38.36
C LYS C 208 -28.68 17.71 38.06
N ILE C 209 -29.49 17.67 39.11
CA ILE C 209 -30.94 17.62 38.95
C ILE C 209 -31.64 18.77 39.65
N VAL C 210 -32.79 19.17 39.11
CA VAL C 210 -33.59 20.25 39.68
C VAL C 210 -35.03 19.77 39.85
N LYS C 211 -35.58 19.96 41.05
CA LYS C 211 -36.94 19.54 41.35
C LYS C 211 -37.96 20.57 40.87
N TYR D 1 4.88 17.06 -14.28
CA TYR D 1 4.39 15.69 -14.12
C TYR D 1 4.53 14.91 -15.42
N GLU D 2 4.99 13.67 -15.33
CA GLU D 2 5.20 12.87 -16.54
C GLU D 2 4.45 11.55 -16.50
N LEU D 3 3.91 11.17 -17.64
CA LEU D 3 3.24 9.88 -17.81
C LEU D 3 4.07 9.04 -18.77
N THR D 4 4.54 7.89 -18.30
CA THR D 4 5.40 7.04 -19.10
C THR D 4 4.65 5.82 -19.64
N GLN D 5 4.75 5.61 -20.95
CA GLN D 5 4.16 4.44 -21.59
C GLN D 5 5.19 3.64 -22.36
N PRO D 6 4.99 2.32 -22.49
CA PRO D 6 5.82 1.52 -23.39
C PRO D 6 5.58 1.95 -24.84
N PRO D 7 6.67 2.11 -25.62
CA PRO D 7 6.60 2.58 -27.01
C PRO D 7 5.65 1.75 -27.88
N SER D 8 5.70 0.44 -27.74
CA SER D 8 4.84 -0.42 -28.54
C SER D 8 4.59 -1.78 -27.89
N VAL D 9 3.42 -2.35 -28.19
CA VAL D 9 3.11 -3.74 -27.84
C VAL D 9 2.36 -4.39 -28.99
N SER D 10 2.56 -5.68 -29.19
CA SER D 10 1.80 -6.41 -30.20
C SER D 10 0.98 -7.53 -29.56
N VAL D 11 -0.11 -7.91 -30.24
CA VAL D 11 -1.02 -8.92 -29.72
C VAL D 11 -1.70 -9.66 -30.88
N SER D 12 -1.90 -10.97 -30.71
CA SER D 12 -2.55 -11.81 -31.71
C SER D 12 -4.06 -11.54 -31.72
N PRO D 13 -4.70 -11.67 -32.88
CA PRO D 13 -6.15 -11.45 -32.92
C PRO D 13 -6.89 -12.43 -32.03
N GLY D 14 -7.71 -11.93 -31.12
CA GLY D 14 -8.44 -12.77 -30.19
C GLY D 14 -7.81 -12.81 -28.80
N GLN D 15 -6.52 -12.51 -28.74
CA GLN D 15 -5.80 -12.45 -27.47
C GLN D 15 -6.02 -11.15 -26.73
N THR D 16 -5.37 -11.03 -25.58
CA THR D 16 -5.50 -9.85 -24.74
C THR D 16 -4.20 -9.06 -24.66
N VAL D 17 -4.31 -7.74 -24.76
CA VAL D 17 -3.15 -6.86 -24.67
C VAL D 17 -3.31 -5.89 -23.48
N ASN D 18 -2.23 -5.67 -22.75
CA ASN D 18 -2.22 -4.72 -21.65
C ASN D 18 -1.33 -3.53 -21.95
N ILE D 19 -1.92 -2.33 -21.95
CA ILE D 19 -1.17 -1.10 -22.14
C ILE D 19 -1.01 -0.38 -20.82
N THR D 20 0.23 -0.20 -20.37
CA THR D 20 0.50 0.37 -19.06
C THR D 20 0.87 1.85 -19.11
N CYS D 21 0.52 2.57 -18.04
CA CYS D 21 0.80 3.99 -17.90
C CYS D 21 1.28 4.29 -16.49
N SER D 22 2.47 4.89 -16.35
CA SER D 22 3.07 5.11 -15.03
C SER D 22 3.39 6.58 -14.72
N GLY D 23 3.17 6.96 -13.47
CA GLY D 23 3.46 8.30 -12.99
C GLY D 23 3.41 8.30 -11.47
N ASP D 24 3.95 9.34 -10.85
CA ASP D 24 3.99 9.40 -9.39
C ASP D 24 2.60 9.50 -8.78
N THR D 25 2.29 8.58 -7.88
CA THR D 25 1.03 8.58 -7.13
C THR D 25 -0.15 8.64 -8.08
N LEU D 26 -0.07 7.88 -9.16
CA LEU D 26 -1.08 7.92 -10.20
C LEU D 26 -2.40 7.34 -9.73
N GLY D 27 -2.32 6.51 -8.68
CA GLY D 27 -3.48 5.88 -8.10
C GLY D 27 -4.40 6.82 -7.35
N ASP D 28 -3.93 8.04 -7.08
CA ASP D 28 -4.74 9.06 -6.42
C ASP D 28 -5.45 9.94 -7.46
N LYS D 29 -5.16 9.68 -8.74
CA LYS D 29 -5.74 10.42 -9.85
C LYS D 29 -6.63 9.55 -10.71
N TYR D 30 -7.71 10.13 -11.21
CA TYR D 30 -8.51 9.46 -12.25
C TYR D 30 -7.79 9.57 -13.60
N VAL D 31 -7.70 8.46 -14.32
CA VAL D 31 -6.96 8.37 -15.57
C VAL D 31 -7.88 8.09 -16.77
N CYS D 32 -7.62 8.71 -17.91
CA CYS D 32 -8.40 8.47 -19.12
C CYS D 32 -7.55 7.90 -20.25
N TRP D 33 -8.21 7.22 -21.19
CA TRP D 33 -7.50 6.58 -22.29
C TRP D 33 -8.06 7.00 -23.65
N TYR D 34 -7.16 7.23 -24.60
CA TYR D 34 -7.56 7.65 -25.92
C TYR D 34 -6.96 6.73 -26.97
N GLN D 35 -7.77 6.38 -27.96
CA GLN D 35 -7.33 5.60 -29.11
C GLN D 35 -7.17 6.52 -30.32
N GLN D 36 -6.04 6.41 -31.00
CA GLN D 36 -5.83 7.20 -32.21
C GLN D 36 -5.33 6.36 -33.36
N LYS D 37 -6.15 6.28 -34.41
CA LYS D 37 -5.77 5.62 -35.66
C LYS D 37 -5.02 6.61 -36.54
N PRO D 38 -4.13 6.11 -37.41
CA PRO D 38 -3.36 6.99 -38.30
C PRO D 38 -4.24 7.93 -39.13
N GLY D 39 -3.94 9.23 -39.04
CA GLY D 39 -4.68 10.23 -39.79
C GLY D 39 -6.02 10.63 -39.20
N GLN D 40 -6.29 10.25 -37.96
CA GLN D 40 -7.56 10.58 -37.33
C GLN D 40 -7.39 11.17 -35.93
N SER D 41 -8.49 11.72 -35.41
CA SER D 41 -8.48 12.34 -34.09
C SER D 41 -8.55 11.31 -32.97
N PRO D 42 -8.00 11.64 -31.80
CA PRO D 42 -8.11 10.73 -30.65
C PRO D 42 -9.56 10.45 -30.28
N VAL D 43 -9.82 9.23 -29.84
CA VAL D 43 -11.16 8.82 -29.43
C VAL D 43 -11.14 8.32 -28.00
N LEU D 44 -12.03 8.83 -27.15
CA LEU D 44 -12.07 8.41 -25.75
C LEU D 44 -12.60 6.98 -25.63
N VAL D 45 -11.78 6.07 -25.11
CA VAL D 45 -12.28 4.73 -24.85
C VAL D 45 -12.56 4.46 -23.37
N ILE D 46 -11.83 5.16 -22.49
CA ILE D 46 -11.98 5.00 -21.05
C ILE D 46 -11.83 6.34 -20.31
N TYR D 47 -12.74 6.63 -19.39
CA TYR D 47 -12.61 7.79 -18.50
C TYR D 47 -12.81 7.33 -17.07
N GLN D 48 -12.29 8.10 -16.10
CA GLN D 48 -12.42 7.78 -14.67
C GLN D 48 -11.93 6.37 -14.33
N ASP D 49 -10.80 6.01 -14.94
CA ASP D 49 -10.04 4.79 -14.72
C ASP D 49 -10.69 3.52 -15.25
N THR D 50 -12.00 3.38 -15.00
CA THR D 50 -12.73 2.18 -15.41
C THR D 50 -13.93 2.38 -16.35
N LYS D 51 -14.32 3.62 -16.60
CA LYS D 51 -15.62 3.84 -17.27
C LYS D 51 -15.56 3.87 -18.79
N ARG D 52 -16.55 3.22 -19.40
CA ARG D 52 -16.71 3.22 -20.85
C ARG D 52 -17.81 4.19 -21.27
N PRO D 53 -17.51 5.05 -22.24
CA PRO D 53 -18.55 5.90 -22.84
C PRO D 53 -19.56 5.03 -23.57
N SER D 54 -20.79 5.51 -23.73
CA SER D 54 -21.80 4.75 -24.45
C SER D 54 -21.37 4.63 -25.91
N GLY D 55 -21.28 3.41 -26.41
CA GLY D 55 -20.83 3.17 -27.76
C GLY D 55 -19.48 2.48 -27.85
N ILE D 56 -18.80 2.34 -26.71
CA ILE D 56 -17.53 1.62 -26.65
C ILE D 56 -17.75 0.19 -26.17
N PRO D 57 -17.33 -0.80 -26.98
CA PRO D 57 -17.57 -2.22 -26.68
C PRO D 57 -16.98 -2.68 -25.34
N GLU D 58 -17.62 -3.68 -24.74
CA GLU D 58 -17.20 -4.22 -23.44
C GLU D 58 -15.79 -4.80 -23.50
N ARG D 59 -15.33 -5.00 -24.73
CA ARG D 59 -13.98 -5.44 -25.03
C ARG D 59 -12.93 -4.62 -24.28
N PHE D 60 -13.16 -3.32 -24.17
CA PHE D 60 -12.23 -2.41 -23.48
C PHE D 60 -12.53 -2.28 -21.98
N SER D 61 -11.47 -2.26 -21.17
CA SER D 61 -11.61 -2.08 -19.73
C SER D 61 -10.32 -1.50 -19.19
N GLY D 62 -10.40 -0.85 -18.03
CA GLY D 62 -9.21 -0.27 -17.44
C GLY D 62 -9.17 -0.39 -15.94
N SER D 63 -7.98 -0.18 -15.38
CA SER D 63 -7.78 -0.19 -13.94
C SER D 63 -6.61 0.72 -13.58
N ASN D 64 -6.60 1.16 -12.34
CA ASN D 64 -5.52 2.01 -11.84
C ASN D 64 -5.20 1.67 -10.39
N SER D 65 -3.94 1.37 -10.11
CA SER D 65 -3.50 1.11 -8.74
C SER D 65 -2.01 1.42 -8.56
N GLY D 66 -1.66 1.87 -7.37
CA GLY D 66 -0.28 2.24 -7.07
C GLY D 66 0.17 3.37 -7.97
N ASP D 67 1.27 3.14 -8.69
CA ASP D 67 1.79 4.13 -9.62
C ASP D 67 1.46 3.82 -11.08
N THR D 68 0.65 2.79 -11.33
CA THR D 68 0.43 2.31 -12.69
C THR D 68 -1.02 2.13 -13.11
N ALA D 69 -1.39 2.72 -14.25
CA ALA D 69 -2.72 2.52 -14.83
C ALA D 69 -2.64 1.58 -16.04
N THR D 70 -3.68 0.80 -16.26
CA THR D 70 -3.64 -0.19 -17.34
C THR D 70 -4.91 -0.20 -18.18
N LEU D 71 -4.74 -0.04 -19.49
CA LEU D 71 -5.82 -0.25 -20.43
C LEU D 71 -5.72 -1.68 -20.92
N THR D 72 -6.84 -2.40 -20.92
CA THR D 72 -6.86 -3.80 -21.30
C THR D 72 -7.87 -4.05 -22.41
N VAL D 73 -7.41 -4.69 -23.49
CA VAL D 73 -8.31 -5.06 -24.57
C VAL D 73 -8.31 -6.58 -24.73
N SER D 74 -9.49 -7.18 -24.62
CA SER D 74 -9.63 -8.64 -24.64
C SER D 74 -10.39 -9.11 -25.88
N GLY D 75 -9.84 -10.10 -26.57
CA GLY D 75 -10.41 -10.54 -27.83
C GLY D 75 -10.29 -9.42 -28.85
N THR D 76 -9.10 -8.84 -28.92
CA THR D 76 -8.86 -7.66 -29.77
C THR D 76 -8.99 -8.01 -31.25
N GLN D 77 -9.67 -7.14 -31.99
CA GLN D 77 -9.85 -7.32 -33.42
C GLN D 77 -8.89 -6.47 -34.23
N ALA D 78 -8.92 -6.63 -35.54
CA ALA D 78 -8.06 -5.87 -36.45
C ALA D 78 -8.25 -4.36 -36.31
N MET D 79 -9.50 -3.95 -36.13
CA MET D 79 -9.84 -2.53 -36.06
C MET D 79 -9.28 -1.86 -34.80
N ASP D 80 -8.77 -2.67 -33.89
CA ASP D 80 -8.23 -2.15 -32.63
C ASP D 80 -6.76 -1.76 -32.78
N GLU D 81 -6.22 -1.87 -33.99
CA GLU D 81 -4.84 -1.47 -34.20
C GLU D 81 -4.76 0.05 -34.26
N ALA D 82 -4.07 0.65 -33.29
CA ALA D 82 -3.97 2.11 -33.18
C ALA D 82 -2.93 2.53 -32.15
N ASP D 83 -2.78 3.84 -31.99
CA ASP D 83 -1.96 4.38 -30.90
C ASP D 83 -2.86 4.66 -29.68
N TYR D 84 -2.34 4.39 -28.49
CA TYR D 84 -3.13 4.61 -27.28
C TYR D 84 -2.42 5.56 -26.29
N TYR D 85 -3.10 6.62 -25.90
CA TYR D 85 -2.53 7.58 -24.96
C TYR D 85 -3.35 7.60 -23.67
N CYS D 86 -2.68 7.46 -22.53
CA CYS D 86 -3.30 7.71 -21.24
C CYS D 86 -3.22 9.20 -20.92
N GLN D 87 -4.12 9.67 -20.05
CA GLN D 87 -4.17 11.08 -19.75
C GLN D 87 -4.60 11.33 -18.30
N ALA D 88 -4.02 12.35 -17.69
CA ALA D 88 -4.28 12.69 -16.30
C ALA D 88 -4.12 14.19 -16.07
N TRP D 89 -4.20 14.60 -14.80
CA TRP D 89 -4.06 16.00 -14.42
C TRP D 89 -3.20 16.20 -13.17
N ASP D 90 -2.26 17.15 -13.23
CA ASP D 90 -1.49 17.53 -12.06
C ASP D 90 -1.13 19.00 -12.08
N SER D 91 -1.42 19.71 -10.98
CA SER D 91 -0.94 21.09 -10.77
C SER D 91 -1.30 22.06 -11.89
N SER D 92 -2.60 22.16 -12.19
CA SER D 92 -3.12 23.09 -13.21
C SER D 92 -2.67 22.79 -14.64
N SER D 93 -2.24 21.56 -14.90
CA SER D 93 -1.85 21.16 -16.26
C SER D 93 -2.41 19.79 -16.60
N PHE D 94 -2.99 19.66 -17.79
CA PHE D 94 -3.35 18.34 -18.29
C PHE D 94 -2.10 17.70 -18.87
N VAL D 95 -2.00 16.39 -18.71
CA VAL D 95 -0.82 15.65 -19.14
C VAL D 95 -1.21 14.41 -19.94
N PHE D 96 -0.56 14.22 -21.08
CA PHE D 96 -0.76 13.00 -21.86
C PHE D 96 0.46 12.10 -21.72
N GLY D 97 0.23 10.79 -21.77
CA GLY D 97 1.32 9.83 -21.76
C GLY D 97 2.05 9.82 -23.09
N THR D 98 3.23 9.21 -23.10
CA THR D 98 4.08 9.22 -24.29
C THR D 98 3.44 8.47 -25.45
N GLY D 99 2.53 7.55 -25.15
CA GLY D 99 1.83 6.82 -26.19
C GLY D 99 2.34 5.43 -26.42
N THR D 100 1.45 4.55 -26.85
CA THR D 100 1.81 3.16 -27.13
C THR D 100 1.20 2.72 -28.44
N LYS D 101 2.04 2.19 -29.33
CA LYS D 101 1.54 1.65 -30.59
C LYS D 101 1.14 0.19 -30.41
N VAL D 102 -0.12 -0.10 -30.67
CA VAL D 102 -0.61 -1.46 -30.55
C VAL D 102 -0.82 -2.08 -31.93
N THR D 103 -0.08 -3.13 -32.21
CA THR D 103 -0.25 -3.84 -33.47
C THR D 103 -0.94 -5.18 -33.22
N VAL D 104 -2.07 -5.39 -33.90
CA VAL D 104 -2.67 -6.71 -33.93
C VAL D 104 -2.07 -7.46 -35.12
N LEU D 105 -1.47 -8.62 -34.84
CA LEU D 105 -0.66 -9.31 -35.83
C LEU D 105 -1.49 -9.97 -36.92
N GLY D 106 -1.31 -9.51 -38.16
CA GLY D 106 -2.00 -10.10 -39.31
C GLY D 106 -1.09 -10.88 -40.22
N GLN D 107 0.21 -10.88 -39.91
CA GLN D 107 1.22 -11.60 -40.69
C GLN D 107 2.35 -12.04 -39.76
N PRO D 108 3.16 -13.02 -40.17
CA PRO D 108 4.24 -13.45 -39.28
C PRO D 108 5.26 -12.34 -39.00
N LYS D 109 5.98 -12.48 -37.90
CA LYS D 109 6.99 -11.49 -37.50
C LYS D 109 8.13 -11.47 -38.49
N ALA D 110 8.72 -10.29 -38.68
CA ALA D 110 9.85 -10.14 -39.59
C ALA D 110 10.93 -9.23 -39.02
N ASN D 111 12.16 -9.76 -38.94
CA ASN D 111 13.31 -9.00 -38.45
C ASN D 111 13.75 -7.93 -39.44
N PRO D 112 14.15 -6.76 -38.91
CA PRO D 112 14.51 -5.62 -39.76
C PRO D 112 15.87 -5.81 -40.41
N THR D 113 16.09 -5.12 -41.52
CA THR D 113 17.36 -5.17 -42.22
C THR D 113 17.99 -3.80 -42.16
N VAL D 114 19.20 -3.73 -41.63
CA VAL D 114 19.83 -2.44 -41.34
C VAL D 114 21.09 -2.23 -42.18
N THR D 115 21.10 -1.16 -42.97
CA THR D 115 22.28 -0.82 -43.76
C THR D 115 22.76 0.57 -43.38
N LEU D 116 24.04 0.68 -43.03
CA LEU D 116 24.58 1.97 -42.62
C LEU D 116 25.65 2.49 -43.58
N PHE D 117 25.40 3.65 -44.17
CA PHE D 117 26.36 4.28 -45.07
C PHE D 117 27.08 5.45 -44.40
N PRO D 118 28.41 5.43 -44.44
CA PRO D 118 29.20 6.57 -43.99
C PRO D 118 29.08 7.72 -44.99
N PRO D 119 29.48 8.94 -44.60
CA PRO D 119 29.46 10.05 -45.56
C PRO D 119 30.35 9.76 -46.77
N SER D 120 29.88 10.16 -47.94
CA SER D 120 30.63 9.99 -49.17
C SER D 120 31.80 10.96 -49.24
N SER D 121 32.79 10.64 -50.07
CA SER D 121 33.94 11.52 -50.29
C SER D 121 33.44 12.85 -50.84
N GLU D 122 32.42 12.77 -51.67
CA GLU D 122 31.87 13.94 -52.35
C GLU D 122 31.19 14.92 -51.41
N GLU D 123 30.46 14.39 -50.44
CA GLU D 123 29.74 15.25 -49.52
C GLU D 123 30.73 15.96 -48.59
N LEU D 124 31.82 15.26 -48.27
CA LEU D 124 32.84 15.81 -47.38
C LEU D 124 33.61 16.99 -48.00
N GLN D 125 33.80 16.96 -49.32
CA GLN D 125 34.47 18.07 -50.00
C GLN D 125 33.46 19.19 -50.31
N ALA D 126 32.20 18.92 -49.99
CA ALA D 126 31.15 19.93 -50.04
C ALA D 126 30.96 20.52 -48.64
N ASN D 127 31.87 20.16 -47.73
CA ASN D 127 31.86 20.62 -46.35
C ASN D 127 30.59 20.21 -45.59
N LYS D 128 30.16 18.98 -45.80
CA LYS D 128 29.03 18.39 -45.10
C LYS D 128 29.25 16.90 -44.82
N ALA D 129 28.59 16.38 -43.80
CA ALA D 129 28.69 14.95 -43.46
C ALA D 129 27.34 14.39 -43.04
N THR D 130 26.89 13.35 -43.74
CA THR D 130 25.60 12.74 -43.43
C THR D 130 25.71 11.22 -43.36
N LEU D 131 25.38 10.66 -42.20
CA LEU D 131 25.31 9.21 -42.02
C LEU D 131 23.90 8.76 -42.35
N VAL D 132 23.79 7.67 -43.11
CA VAL D 132 22.48 7.16 -43.50
C VAL D 132 22.26 5.73 -43.05
N CYS D 133 21.31 5.55 -42.12
CA CYS D 133 20.90 4.24 -41.63
C CYS D 133 19.57 3.86 -42.26
N LEU D 134 19.57 2.84 -43.11
CA LEU D 134 18.34 2.43 -43.80
C LEU D 134 17.77 1.14 -43.21
N ILE D 135 16.50 1.16 -42.85
CA ILE D 135 15.84 0.05 -42.18
C ILE D 135 14.63 -0.44 -42.97
N SER D 136 14.58 -1.75 -43.24
CA SER D 136 13.55 -2.29 -44.12
C SER D 136 13.03 -3.68 -43.73
N ASP D 137 11.91 -4.06 -44.33
CA ASP D 137 11.35 -5.40 -44.22
C ASP D 137 11.08 -5.89 -42.79
N PHE D 138 10.36 -5.11 -41.99
CA PHE D 138 10.08 -5.56 -40.63
C PHE D 138 8.59 -5.50 -40.25
N TYR D 139 8.20 -6.42 -39.38
CA TYR D 139 6.85 -6.44 -38.82
C TYR D 139 6.88 -6.91 -37.37
N PRO D 140 6.07 -6.27 -36.51
CA PRO D 140 5.19 -5.13 -36.80
C PRO D 140 5.93 -3.81 -37.08
N GLY D 141 5.18 -2.76 -37.33
CA GLY D 141 5.70 -1.50 -37.84
C GLY D 141 6.29 -0.58 -36.79
N ALA D 142 6.88 -1.14 -35.75
CA ALA D 142 7.45 -0.35 -34.68
C ALA D 142 8.93 -0.64 -34.50
N VAL D 143 9.73 0.42 -34.42
CA VAL D 143 11.17 0.32 -34.33
C VAL D 143 11.70 1.47 -33.48
N THR D 144 12.80 1.24 -32.78
CA THR D 144 13.44 2.29 -31.99
C THR D 144 14.89 2.45 -32.41
N VAL D 145 15.21 3.63 -32.94
CA VAL D 145 16.56 3.89 -33.45
C VAL D 145 17.35 4.74 -32.46
N ALA D 146 18.60 4.37 -32.26
CA ALA D 146 19.49 5.11 -31.35
C ALA D 146 20.88 5.22 -31.96
N TRP D 147 21.46 6.42 -31.91
CA TRP D 147 22.78 6.62 -32.49
C TRP D 147 23.87 6.69 -31.42
N LYS D 148 24.99 6.04 -31.68
CA LYS D 148 26.10 5.98 -30.74
C LYS D 148 27.38 6.53 -31.36
N ALA D 149 27.95 7.55 -30.72
CA ALA D 149 29.25 8.08 -31.11
C ALA D 149 30.30 7.67 -30.08
N ASP D 150 31.21 6.79 -30.48
CA ASP D 150 32.20 6.20 -29.59
C ASP D 150 31.53 5.55 -28.37
N GLY D 151 30.43 4.84 -28.62
CA GLY D 151 29.71 4.14 -27.56
C GLY D 151 28.88 5.05 -26.67
N SER D 152 28.85 6.33 -27.00
CA SER D 152 28.08 7.32 -26.23
C SER D 152 26.87 7.81 -27.03
N PRO D 153 25.68 7.77 -26.42
CA PRO D 153 24.44 8.18 -27.08
C PRO D 153 24.49 9.63 -27.57
N VAL D 154 24.07 9.88 -28.80
CA VAL D 154 23.96 11.25 -29.32
C VAL D 154 22.57 11.51 -29.89
N LYS D 155 21.91 12.56 -29.39
CA LYS D 155 20.57 12.91 -29.85
C LYS D 155 20.56 14.13 -30.79
N ALA D 156 21.71 14.79 -30.94
CA ALA D 156 21.79 16.01 -31.72
C ALA D 156 22.11 15.74 -33.19
N GLY D 157 21.27 16.27 -34.08
CA GLY D 157 21.46 16.12 -35.52
C GLY D 157 20.84 14.86 -36.08
N VAL D 158 19.94 14.26 -35.30
CA VAL D 158 19.28 13.03 -35.71
C VAL D 158 17.86 13.28 -36.21
N GLU D 159 17.55 12.73 -37.39
CA GLU D 159 16.20 12.76 -37.93
C GLU D 159 15.79 11.34 -38.35
N THR D 160 14.61 10.91 -37.92
CA THR D 160 14.16 9.56 -38.24
C THR D 160 12.73 9.57 -38.76
N THR D 161 12.48 8.80 -39.81
CA THR D 161 11.15 8.68 -40.39
C THR D 161 10.25 7.84 -39.52
N LYS D 162 8.95 8.01 -39.72
CA LYS D 162 7.97 7.12 -39.12
C LYS D 162 7.91 5.90 -40.04
N PRO D 163 7.79 4.70 -39.43
CA PRO D 163 7.69 3.47 -40.21
C PRO D 163 6.57 3.53 -41.26
N SER D 164 6.88 3.15 -42.49
CA SER D 164 5.90 3.23 -43.57
C SER D 164 5.70 1.86 -44.21
N LYS D 165 4.48 1.59 -44.65
CA LYS D 165 4.15 0.28 -45.21
C LYS D 165 4.75 0.10 -46.60
N GLN D 166 5.47 -1.00 -46.78
CA GLN D 166 6.07 -1.34 -48.06
C GLN D 166 5.04 -2.00 -48.98
N SER D 167 5.47 -2.35 -50.19
CA SER D 167 4.62 -3.06 -51.15
C SER D 167 4.29 -4.46 -50.66
N ASN D 168 5.26 -5.09 -49.99
CA ASN D 168 5.13 -6.47 -49.52
C ASN D 168 4.46 -6.54 -48.15
N ASN D 169 3.95 -5.39 -47.71
CA ASN D 169 3.21 -5.24 -46.45
C ASN D 169 4.11 -5.24 -45.22
N LYS D 170 5.42 -5.38 -45.45
CA LYS D 170 6.40 -5.14 -44.41
C LYS D 170 6.50 -3.63 -44.22
N TYR D 171 7.31 -3.19 -43.25
CA TYR D 171 7.47 -1.76 -43.00
C TYR D 171 8.92 -1.30 -43.18
N ALA D 172 9.11 -0.03 -43.55
CA ALA D 172 10.46 0.51 -43.74
C ALA D 172 10.65 1.82 -43.02
N ALA D 173 11.89 2.12 -42.68
CA ALA D 173 12.23 3.36 -41.97
C ALA D 173 13.67 3.77 -42.24
N SER D 174 13.96 5.05 -42.06
CA SER D 174 15.31 5.54 -42.27
C SER D 174 15.66 6.62 -41.25
N SER D 175 16.94 6.68 -40.88
CA SER D 175 17.40 7.66 -39.93
C SER D 175 18.70 8.32 -40.40
N TYR D 176 18.78 9.64 -40.26
CA TYR D 176 19.94 10.39 -40.69
C TYR D 176 20.60 11.09 -39.51
N LEU D 177 21.93 11.02 -39.46
CA LEU D 177 22.71 11.82 -38.54
C LEU D 177 23.53 12.82 -39.32
N SER D 178 23.12 14.08 -39.29
CA SER D 178 23.80 15.15 -40.02
C SER D 178 24.92 15.74 -39.20
N LEU D 179 26.13 15.73 -39.76
CA LEU D 179 27.28 16.26 -39.05
C LEU D 179 28.08 17.20 -39.92
N THR D 180 28.99 17.95 -39.30
CA THR D 180 29.98 18.71 -40.04
C THR D 180 31.19 17.82 -40.22
N PRO D 181 31.99 18.05 -41.28
CA PRO D 181 33.17 17.21 -41.52
C PRO D 181 34.13 17.16 -40.33
N GLU D 182 34.09 18.18 -39.49
CA GLU D 182 34.96 18.24 -38.31
C GLU D 182 34.44 17.36 -37.18
N GLN D 183 33.13 17.40 -36.95
CA GLN D 183 32.50 16.55 -35.93
C GLN D 183 32.73 15.09 -36.29
N TRP D 184 32.42 14.74 -37.54
CA TRP D 184 32.78 13.44 -38.09
C TRP D 184 34.31 13.40 -38.13
N LYS D 185 34.88 12.20 -38.14
CA LYS D 185 36.33 11.99 -38.21
C LYS D 185 37.05 12.44 -36.93
N SER D 186 36.30 13.04 -36.01
CA SER D 186 36.82 13.41 -34.69
C SER D 186 36.67 12.20 -33.79
N HIS D 187 35.66 11.40 -34.10
CA HIS D 187 35.34 10.18 -33.37
C HIS D 187 35.80 8.97 -34.18
N ARG D 188 36.12 7.87 -33.48
CA ARG D 188 36.71 6.71 -34.14
C ARG D 188 35.67 5.69 -34.59
N SER D 189 34.44 5.83 -34.12
CA SER D 189 33.38 4.89 -34.50
C SER D 189 31.99 5.50 -34.40
N TYR D 190 31.08 5.04 -35.26
CA TYR D 190 29.69 5.44 -35.21
C TYR D 190 28.79 4.21 -35.33
N SER D 191 27.70 4.21 -34.57
CA SER D 191 26.81 3.06 -34.54
C SER D 191 25.36 3.46 -34.79
N CYS D 192 24.64 2.62 -35.52
CA CYS D 192 23.21 2.79 -35.70
C CYS D 192 22.52 1.58 -35.07
N GLN D 193 21.90 1.79 -33.92
CA GLN D 193 21.24 0.71 -33.18
C GLN D 193 19.73 0.68 -33.40
N VAL D 194 19.25 -0.41 -34.00
CA VAL D 194 17.84 -0.54 -34.30
C VAL D 194 17.21 -1.65 -33.47
N THR D 195 16.24 -1.26 -32.63
CA THR D 195 15.56 -2.21 -31.75
C THR D 195 14.17 -2.56 -32.27
N HIS D 196 13.94 -3.84 -32.47
CA HIS D 196 12.66 -4.33 -33.00
C HIS D 196 12.20 -5.57 -32.24
N GLU D 197 11.06 -5.47 -31.57
CA GLU D 197 10.48 -6.58 -30.80
C GLU D 197 11.46 -7.20 -29.80
N GLY D 198 12.13 -6.34 -29.04
CA GLY D 198 13.05 -6.80 -28.01
C GLY D 198 14.43 -7.18 -28.51
N SER D 199 14.60 -7.23 -29.83
CA SER D 199 15.89 -7.58 -30.40
C SER D 199 16.57 -6.36 -31.01
N THR D 200 17.89 -6.25 -30.84
CA THR D 200 18.62 -5.10 -31.33
C THR D 200 19.65 -5.47 -32.39
N VAL D 201 19.48 -4.92 -33.59
CA VAL D 201 20.43 -5.09 -34.67
C VAL D 201 21.28 -3.83 -34.81
N GLU D 202 22.55 -3.99 -35.13
CA GLU D 202 23.50 -2.88 -35.13
C GLU D 202 24.48 -2.91 -36.29
N LYS D 203 24.77 -1.73 -36.86
CA LYS D 203 25.80 -1.61 -37.88
C LYS D 203 26.78 -0.51 -37.51
N THR D 204 28.05 -0.67 -37.88
CA THR D 204 29.11 0.24 -37.46
C THR D 204 30.00 0.68 -38.62
N VAL D 205 30.26 1.99 -38.70
CA VAL D 205 31.19 2.55 -39.69
C VAL D 205 32.28 3.36 -38.99
N ALA D 206 33.41 3.55 -39.67
CA ALA D 206 34.53 4.29 -39.09
C ALA D 206 35.23 5.13 -40.16
N PRO D 207 35.64 6.37 -39.78
CA PRO D 207 36.28 7.31 -40.70
C PRO D 207 37.70 6.93 -41.14
N THR D 208 37.96 7.09 -42.43
CA THR D 208 39.27 6.84 -43.01
C THR D 208 39.58 7.83 -44.14
N GLN E 1 -25.81 16.04 -30.62
CA GLN E 1 -24.39 15.74 -30.48
C GLN E 1 -23.55 17.01 -30.66
N VAL E 2 -22.42 17.06 -29.97
CA VAL E 2 -21.52 18.21 -30.06
C VAL E 2 -20.39 17.94 -31.05
N GLN E 3 -20.09 18.93 -31.90
CA GLN E 3 -19.02 18.80 -32.88
C GLN E 3 -18.10 20.02 -32.85
N LEU E 4 -16.80 19.80 -33.06
CA LEU E 4 -15.83 20.88 -33.05
C LEU E 4 -15.05 20.95 -34.37
N GLN E 5 -14.75 22.16 -34.83
CA GLN E 5 -14.04 22.34 -36.09
C GLN E 5 -12.93 23.39 -36.00
N GLU E 6 -11.70 22.97 -36.27
CA GLU E 6 -10.56 23.88 -36.29
C GLU E 6 -10.39 24.48 -37.66
N SER E 7 -9.97 25.75 -37.71
CA SER E 7 -9.67 26.40 -38.98
C SER E 7 -8.62 27.49 -38.81
N GLY E 8 -7.87 27.77 -39.86
CA GLY E 8 -6.83 28.79 -39.82
C GLY E 8 -5.74 28.51 -40.83
N PRO E 9 -4.75 29.41 -40.91
CA PRO E 9 -3.66 29.28 -41.88
C PRO E 9 -2.86 28.01 -41.67
N GLY E 10 -2.61 27.26 -42.74
CA GLY E 10 -1.87 26.02 -42.63
C GLY E 10 -0.38 26.20 -42.83
N LEU E 11 0.03 27.41 -43.23
CA LEU E 11 1.44 27.70 -43.46
C LEU E 11 1.85 29.04 -42.86
N VAL E 12 2.80 29.03 -41.92
CA VAL E 12 3.31 30.26 -41.32
C VAL E 12 4.86 30.28 -41.31
N LYS E 13 5.45 31.40 -41.70
CA LYS E 13 6.90 31.53 -41.72
C LYS E 13 7.48 31.88 -40.34
N PRO E 14 8.68 31.37 -40.03
CA PRO E 14 9.39 31.77 -38.81
C PRO E 14 9.73 33.26 -38.76
N SER E 15 9.42 33.93 -37.65
CA SER E 15 8.51 33.33 -36.69
C SER E 15 7.24 34.16 -36.66
N GLY E 16 6.23 33.63 -37.33
CA GLY E 16 4.90 34.22 -37.37
C GLY E 16 4.09 33.79 -36.17
N THR E 17 2.87 34.32 -36.07
CA THR E 17 1.99 33.85 -35.03
C THR E 17 0.99 32.89 -35.65
N VAL E 18 0.94 31.67 -35.13
CA VAL E 18 -0.08 30.72 -35.52
C VAL E 18 -1.41 31.16 -34.93
N SER E 19 -2.42 31.30 -35.78
CA SER E 19 -3.71 31.80 -35.35
C SER E 19 -4.83 30.86 -35.77
N LEU E 20 -5.45 30.21 -34.80
CA LEU E 20 -6.49 29.22 -35.04
C LEU E 20 -7.74 29.52 -34.25
N THR E 21 -8.88 29.09 -34.78
CA THR E 21 -10.15 29.20 -34.08
C THR E 21 -10.88 27.86 -34.11
N CYS E 22 -11.73 27.62 -33.12
CA CYS E 22 -12.47 26.37 -33.01
C CYS E 22 -13.97 26.67 -32.97
N ALA E 23 -14.71 26.21 -33.97
CA ALA E 23 -16.15 26.42 -34.02
C ALA E 23 -16.89 25.34 -33.25
N VAL E 24 -17.78 25.73 -32.34
CA VAL E 24 -18.54 24.77 -31.56
C VAL E 24 -19.98 24.66 -32.05
N SER E 25 -20.41 23.46 -32.40
CA SER E 25 -21.77 23.22 -32.85
C SER E 25 -22.43 22.11 -32.05
N GLY E 26 -23.74 22.18 -31.86
CA GLY E 26 -24.46 21.17 -31.11
C GLY E 26 -24.55 21.48 -29.63
N GLY E 27 -23.68 22.38 -29.17
CA GLY E 27 -23.65 22.81 -27.78
C GLY E 27 -23.26 24.27 -27.67
N SER E 28 -23.40 24.84 -26.49
CA SER E 28 -23.02 26.24 -26.29
C SER E 28 -21.66 26.36 -25.59
N ILE E 29 -20.92 27.40 -25.92
CA ILE E 29 -19.66 27.72 -25.25
C ILE E 29 -19.90 28.01 -23.78
N SER E 30 -21.03 28.62 -23.47
CA SER E 30 -21.31 28.90 -22.08
C SER E 30 -21.94 27.65 -21.50
N SER E 31 -21.11 26.91 -20.77
CA SER E 31 -21.44 25.61 -20.24
C SER E 31 -20.58 25.33 -19.03
N SER E 32 -20.76 24.15 -18.44
CA SER E 32 -19.91 23.73 -17.34
C SER E 32 -18.62 23.07 -17.84
N TYR E 33 -18.50 22.95 -19.16
CA TYR E 33 -17.32 22.36 -19.79
C TYR E 33 -16.17 23.36 -19.92
N TRP E 34 -14.95 22.84 -20.04
CA TRP E 34 -13.77 23.65 -20.34
C TRP E 34 -13.33 23.33 -21.76
N TRP E 35 -12.68 24.29 -22.41
CA TRP E 35 -12.33 24.15 -23.82
C TRP E 35 -10.82 24.18 -24.02
N SER E 36 -10.28 23.14 -24.64
CA SER E 36 -8.85 22.95 -24.70
C SER E 36 -8.26 22.92 -26.11
N TRP E 37 -6.97 23.22 -26.21
CA TRP E 37 -6.19 23.03 -27.43
C TRP E 37 -5.10 22.01 -27.16
N VAL E 38 -4.91 21.09 -28.11
CA VAL E 38 -3.90 20.05 -28.01
C VAL E 38 -3.18 19.93 -29.36
N ARG E 39 -1.85 19.84 -29.35
CA ARG E 39 -1.13 19.72 -30.62
C ARG E 39 -0.32 18.42 -30.72
N GLN E 40 -0.09 17.97 -31.96
CA GLN E 40 0.66 16.75 -32.23
C GLN E 40 1.59 16.84 -33.45
N PRO E 41 2.89 17.11 -33.22
CA PRO E 41 3.82 17.06 -34.36
C PRO E 41 3.77 15.68 -35.05
N PRO E 42 4.00 15.64 -36.37
CA PRO E 42 3.82 14.38 -37.12
C PRO E 42 4.65 13.23 -36.55
N GLY E 43 3.99 12.12 -36.28
CA GLY E 43 4.67 10.93 -35.80
C GLY E 43 5.11 11.02 -34.35
N LYS E 44 4.52 11.94 -33.61
CA LYS E 44 4.88 12.11 -32.21
C LYS E 44 3.65 12.13 -31.32
N GLY E 45 3.86 12.39 -30.02
CA GLY E 45 2.78 12.30 -29.05
C GLY E 45 1.94 13.55 -28.91
N LEU E 46 0.83 13.42 -28.20
CA LEU E 46 -0.06 14.55 -27.92
C LEU E 46 0.58 15.48 -26.88
N GLU E 47 0.45 16.78 -27.09
CA GLU E 47 0.96 17.75 -26.14
C GLU E 47 -0.13 18.77 -25.80
N TRP E 48 -0.51 18.82 -24.54
CA TRP E 48 -1.54 19.75 -24.11
C TRP E 48 -0.98 21.17 -24.17
N ILE E 49 -1.75 22.09 -24.74
CA ILE E 49 -1.33 23.47 -24.87
C ILE E 49 -1.94 24.31 -23.74
N GLY E 50 -3.27 24.34 -23.67
CA GLY E 50 -3.96 25.12 -22.66
C GLY E 50 -5.46 24.98 -22.71
N GLU E 51 -6.16 25.67 -21.81
CA GLU E 51 -7.62 25.58 -21.76
C GLU E 51 -8.28 26.91 -21.42
N ILE E 52 -9.59 26.99 -21.60
CA ILE E 52 -10.33 28.20 -21.28
C ILE E 52 -11.76 27.87 -20.84
N TYR E 53 -12.29 28.71 -19.96
CA TYR E 53 -13.66 28.60 -19.49
C TYR E 53 -14.46 29.76 -20.07
N HIS E 54 -15.78 29.58 -20.21
CA HIS E 54 -16.61 30.57 -20.91
C HIS E 54 -16.50 31.96 -20.30
N SER E 55 -16.01 32.03 -19.06
CA SER E 55 -15.86 33.29 -18.37
C SER E 55 -14.58 34.00 -18.78
N GLY E 56 -13.67 33.27 -19.41
CA GLY E 56 -12.40 33.84 -19.84
C GLY E 56 -11.21 33.33 -19.07
N ASN E 57 -11.46 32.60 -17.99
CA ASN E 57 -10.38 32.01 -17.18
C ASN E 57 -9.57 31.00 -18.01
N THR E 58 -8.24 31.03 -17.85
CA THR E 58 -7.37 30.15 -18.62
C THR E 58 -6.35 29.36 -17.80
N ASN E 59 -5.82 28.31 -18.42
CA ASN E 59 -4.71 27.55 -17.88
C ASN E 59 -3.80 27.09 -19.02
N TYR E 60 -2.50 27.33 -18.89
CA TYR E 60 -1.56 27.01 -19.97
C TYR E 60 -0.50 26.00 -19.58
N ASN E 61 -0.01 25.27 -20.58
CA ASN E 61 1.18 24.45 -20.41
C ASN E 61 2.36 25.35 -20.10
N PRO E 62 2.99 25.16 -18.93
CA PRO E 62 4.09 25.99 -18.42
C PRO E 62 5.24 26.17 -19.41
N SER E 63 5.48 25.20 -20.28
CA SER E 63 6.57 25.29 -21.24
C SER E 63 6.19 26.13 -22.45
N LEU E 64 4.89 26.27 -22.68
CA LEU E 64 4.39 27.09 -23.76
C LEU E 64 3.92 28.45 -23.24
N LYS E 65 4.02 28.62 -21.93
CA LYS E 65 3.43 29.74 -21.19
C LYS E 65 3.79 31.11 -21.77
N SER E 66 5.02 31.26 -22.24
CA SER E 66 5.48 32.55 -22.75
C SER E 66 4.77 32.99 -24.03
N ARG E 67 4.66 32.09 -24.99
CA ARG E 67 4.16 32.44 -26.32
C ARG E 67 2.72 32.04 -26.67
N VAL E 68 1.93 31.55 -25.72
CA VAL E 68 0.58 31.11 -26.05
C VAL E 68 -0.51 31.98 -25.43
N THR E 69 -1.57 32.22 -26.21
CA THR E 69 -2.75 32.95 -25.76
C THR E 69 -4.03 32.32 -26.29
N ILE E 70 -4.97 32.08 -25.38
CA ILE E 70 -6.28 31.50 -25.71
C ILE E 70 -7.40 32.46 -25.34
N SER E 71 -8.38 32.63 -26.23
CA SER E 71 -9.50 33.52 -25.92
C SER E 71 -10.82 32.86 -26.26
N VAL E 72 -11.92 33.52 -25.95
CA VAL E 72 -13.25 32.95 -26.12
C VAL E 72 -14.28 34.00 -26.55
N ASP E 73 -15.11 33.65 -27.53
CA ASP E 73 -16.21 34.51 -27.95
C ASP E 73 -17.54 33.84 -27.63
N LYS E 74 -18.25 34.33 -26.62
CA LYS E 74 -19.51 33.72 -26.21
C LYS E 74 -20.61 33.88 -27.25
N SER E 75 -20.62 35.02 -27.92
CA SER E 75 -21.66 35.32 -28.92
C SER E 75 -21.46 34.50 -30.19
N LYS E 76 -20.22 34.49 -30.69
CA LYS E 76 -19.89 33.73 -31.88
C LYS E 76 -19.73 32.25 -31.55
N ASN E 77 -19.82 31.94 -30.27
CA ASN E 77 -19.77 30.57 -29.78
C ASN E 77 -18.53 29.82 -30.26
N LEU E 78 -17.36 30.42 -30.03
CA LEU E 78 -16.10 29.83 -30.43
C LEU E 78 -14.98 30.26 -29.50
N PHE E 79 -13.86 29.54 -29.55
CA PHE E 79 -12.67 29.95 -28.83
C PHE E 79 -11.48 29.83 -29.77
N SER E 80 -10.39 30.50 -29.44
CA SER E 80 -9.27 30.65 -30.36
C SER E 80 -7.90 30.50 -29.72
N LEU E 81 -6.88 30.35 -30.58
CA LEU E 81 -5.51 30.10 -30.13
C LEU E 81 -4.50 30.98 -30.88
N LYS E 82 -3.56 31.57 -30.16
CA LYS E 82 -2.47 32.31 -30.78
C LYS E 82 -1.12 31.85 -30.26
N LEU E 83 -0.33 31.23 -31.12
CA LEU E 83 1.02 30.80 -30.75
C LEU E 83 2.04 31.60 -31.55
N SER E 84 2.75 32.50 -30.87
CA SER E 84 3.69 33.39 -31.53
C SER E 84 5.11 32.86 -31.45
N SER E 85 6.03 33.55 -32.14
CA SER E 85 7.45 33.22 -32.13
C SER E 85 7.69 31.76 -32.51
N VAL E 86 7.13 31.33 -33.63
CA VAL E 86 7.13 29.90 -33.98
C VAL E 86 8.47 29.38 -34.53
N THR E 87 8.70 28.08 -34.31
CA THR E 87 9.89 27.41 -34.81
C THR E 87 9.43 26.15 -35.55
N ALA E 88 10.36 25.36 -36.06
CA ALA E 88 10.03 24.11 -36.74
C ALA E 88 9.34 23.15 -35.78
N ALA E 89 9.64 23.31 -34.49
CA ALA E 89 9.08 22.46 -33.45
C ALA E 89 7.58 22.70 -33.26
N ASP E 90 7.06 23.74 -33.89
CA ASP E 90 5.64 24.06 -33.79
C ASP E 90 4.84 23.50 -34.95
N THR E 91 5.53 22.89 -35.90
CA THR E 91 4.87 22.20 -37.00
C THR E 91 4.16 20.99 -36.43
N ALA E 92 2.84 20.95 -36.58
CA ALA E 92 2.03 19.93 -35.93
C ALA E 92 0.58 19.97 -36.38
N VAL E 93 -0.15 18.92 -36.05
CA VAL E 93 -1.60 18.94 -36.17
C VAL E 93 -2.21 19.49 -34.87
N TYR E 94 -3.00 20.54 -34.98
CA TYR E 94 -3.56 21.19 -33.82
C TYR E 94 -5.03 20.79 -33.64
N TYR E 95 -5.32 20.19 -32.49
CA TYR E 95 -6.69 19.79 -32.15
C TYR E 95 -7.31 20.74 -31.12
N CYS E 96 -8.61 20.93 -31.22
CA CYS E 96 -9.37 21.53 -30.13
C CYS E 96 -10.27 20.45 -29.54
N ALA E 97 -10.61 20.56 -28.26
CA ALA E 97 -11.43 19.53 -27.61
C ALA E 97 -12.27 20.13 -26.50
N ARG E 98 -13.38 19.46 -26.20
CA ARG E 98 -14.20 19.79 -25.04
C ARG E 98 -13.75 18.96 -23.85
N VAL E 99 -13.55 19.61 -22.71
CA VAL E 99 -13.14 18.94 -21.48
C VAL E 99 -14.26 18.97 -20.46
N ALA E 100 -14.58 17.81 -19.90
CA ALA E 100 -15.60 17.72 -18.85
C ALA E 100 -14.94 17.37 -17.52
N LEU E 101 -15.47 17.91 -16.43
CA LEU E 101 -14.92 17.66 -15.11
C LEU E 101 -15.38 16.32 -14.55
N PHE E 102 -14.53 15.69 -13.74
CA PHE E 102 -14.92 14.46 -13.02
C PHE E 102 -15.97 14.79 -11.97
N ASP E 103 -16.85 13.84 -11.69
CA ASP E 103 -17.83 14.06 -10.63
C ASP E 103 -17.11 14.19 -9.29
N ILE E 104 -16.04 13.43 -9.11
CA ILE E 104 -15.18 13.55 -7.92
C ILE E 104 -13.70 13.66 -8.33
N LEU E 105 -12.98 14.40 -7.51
CA LEU E 105 -11.59 14.84 -7.63
C LEU E 105 -11.30 15.80 -8.80
N THR E 106 -10.01 15.94 -9.09
CA THR E 106 -9.46 16.88 -10.06
C THR E 106 -9.29 16.34 -11.46
N GLY E 107 -9.25 17.22 -12.45
CA GLY E 107 -8.94 16.79 -13.80
C GLY E 107 -10.20 16.66 -14.62
N GLY E 108 -10.11 15.88 -15.68
CA GLY E 108 -11.25 15.67 -16.55
C GLY E 108 -10.89 14.91 -17.80
N TRP E 109 -11.89 14.63 -18.63
CA TRP E 109 -11.65 13.90 -19.86
C TRP E 109 -11.98 14.74 -21.09
N PHE E 110 -11.33 14.41 -22.20
CA PHE E 110 -11.44 15.15 -23.45
C PHE E 110 -12.41 14.45 -24.41
N ASP E 111 -13.51 15.13 -24.71
CA ASP E 111 -14.52 14.62 -25.65
C ASP E 111 -15.62 15.64 -25.90
N PRO E 112 -15.95 15.88 -27.18
CA PRO E 112 -15.27 15.27 -28.32
C PRO E 112 -14.05 16.08 -28.79
N TRP E 113 -13.40 15.59 -29.83
CA TRP E 113 -12.25 16.25 -30.44
C TRP E 113 -12.63 16.75 -31.83
N GLY E 114 -11.92 17.75 -32.30
CA GLY E 114 -12.11 18.21 -33.67
C GLY E 114 -11.30 17.33 -34.60
N GLN E 115 -11.50 17.49 -35.91
CA GLN E 115 -10.81 16.66 -36.89
C GLN E 115 -9.31 16.96 -36.90
N GLY E 116 -8.94 18.15 -36.47
CA GLY E 116 -7.55 18.58 -36.48
C GLY E 116 -7.20 19.30 -37.77
N THR E 117 -6.28 20.26 -37.67
CA THR E 117 -5.79 20.99 -38.83
C THR E 117 -4.27 21.09 -38.80
N LEU E 118 -3.64 20.82 -39.93
CA LEU E 118 -2.19 20.86 -40.00
C LEU E 118 -1.68 22.29 -40.17
N VAL E 119 -0.70 22.65 -39.37
CA VAL E 119 -0.03 23.93 -39.46
C VAL E 119 1.45 23.70 -39.66
N THR E 120 1.99 24.11 -40.79
CA THR E 120 3.40 23.91 -41.07
C THR E 120 4.17 25.20 -40.81
N VAL E 121 5.28 25.09 -40.07
CA VAL E 121 6.17 26.23 -39.89
C VAL E 121 7.47 26.00 -40.63
N SER E 122 7.65 26.68 -41.76
CA SER E 122 8.88 26.58 -42.53
C SER E 122 9.12 27.84 -43.34
N SER E 123 10.38 28.26 -43.43
CA SER E 123 10.73 29.40 -44.26
C SER E 123 11.20 28.91 -45.62
N ALA E 124 11.27 27.59 -45.77
CA ALA E 124 11.83 27.00 -46.98
C ALA E 124 11.00 27.33 -48.22
N SER E 125 11.69 27.43 -49.34
CA SER E 125 11.06 27.63 -50.65
C SER E 125 11.63 26.61 -51.61
N THR E 126 11.26 26.70 -52.89
CA THR E 126 11.69 25.73 -53.89
C THR E 126 13.21 25.63 -53.92
N LYS E 127 13.73 24.43 -53.72
CA LYS E 127 15.17 24.19 -53.76
C LYS E 127 15.45 22.82 -54.35
N GLY E 128 16.44 22.75 -55.25
CA GLY E 128 16.85 21.49 -55.81
C GLY E 128 17.77 20.73 -54.87
N PRO E 129 17.76 19.40 -54.98
CA PRO E 129 18.57 18.49 -54.17
C PRO E 129 20.01 18.34 -54.64
N SER E 130 20.87 17.95 -53.71
CA SER E 130 22.19 17.43 -54.04
C SER E 130 22.11 15.90 -54.04
N VAL E 131 22.87 15.26 -54.92
CA VAL E 131 22.88 13.81 -55.01
C VAL E 131 24.28 13.27 -54.73
N PHE E 132 24.39 12.41 -53.73
CA PHE E 132 25.67 11.80 -53.36
C PHE E 132 25.59 10.28 -53.47
N PRO E 133 26.68 9.65 -53.91
CA PRO E 133 26.66 8.19 -54.03
C PRO E 133 26.79 7.54 -52.65
N LEU E 134 26.09 6.43 -52.43
CA LEU E 134 26.32 5.65 -51.22
C LEU E 134 27.08 4.39 -51.61
N ALA E 135 28.37 4.39 -51.34
CA ALA E 135 29.27 3.33 -51.80
C ALA E 135 29.15 2.03 -51.02
N PRO E 136 29.17 0.89 -51.74
CA PRO E 136 29.11 -0.47 -51.20
C PRO E 136 30.38 -0.84 -50.44
N SER E 137 30.34 -1.96 -49.72
CA SER E 137 31.44 -2.34 -48.83
C SER E 137 31.37 -3.80 -48.38
N GLY E 144 26.80 -14.29 -51.32
CA GLY E 144 26.11 -13.19 -50.68
C GLY E 144 25.94 -12.01 -51.62
N THR E 145 25.24 -10.98 -51.15
CA THR E 145 25.00 -9.79 -51.97
C THR E 145 25.58 -8.53 -51.34
N ALA E 146 25.35 -7.40 -51.99
CA ALA E 146 25.84 -6.11 -51.51
C ALA E 146 24.80 -5.01 -51.76
N ALA E 147 24.86 -3.94 -50.98
CA ALA E 147 23.90 -2.85 -51.13
C ALA E 147 24.60 -1.52 -51.34
N LEU E 148 24.10 -0.75 -52.29
CA LEU E 148 24.61 0.59 -52.60
C LEU E 148 23.45 1.51 -52.94
N GLY E 149 23.67 2.82 -52.89
CA GLY E 149 22.58 3.73 -53.17
C GLY E 149 22.92 5.18 -53.45
N CYS E 150 21.87 6.01 -53.45
CA CYS E 150 22.02 7.43 -53.64
C CYS E 150 21.34 8.24 -52.54
N LEU E 151 22.06 9.25 -52.05
CA LEU E 151 21.52 10.17 -51.07
C LEU E 151 21.06 11.43 -51.78
N VAL E 152 19.77 11.73 -51.67
CA VAL E 152 19.18 12.93 -52.23
C VAL E 152 18.73 13.86 -51.10
N LYS E 153 19.44 14.96 -50.87
CA LYS E 153 19.10 15.79 -49.71
C LYS E 153 18.84 17.26 -49.98
N ASP E 154 18.17 17.90 -49.02
CA ASP E 154 17.89 19.32 -49.03
C ASP E 154 17.08 19.77 -50.25
N TYR E 155 15.93 19.12 -50.49
CA TYR E 155 15.06 19.54 -51.58
C TYR E 155 13.65 19.89 -51.11
N PHE E 156 13.05 20.87 -51.79
CA PHE E 156 11.66 21.24 -51.52
C PHE E 156 11.01 21.70 -52.81
N PRO E 157 9.73 21.33 -53.01
CA PRO E 157 8.94 20.40 -52.21
C PRO E 157 9.08 18.97 -52.74
N GLU E 158 8.28 18.06 -52.21
CA GLU E 158 8.20 16.70 -52.74
C GLU E 158 7.43 16.73 -54.06
N PRO E 159 7.56 15.67 -54.87
CA PRO E 159 8.40 14.48 -54.69
C PRO E 159 9.76 14.53 -55.40
N VAL E 160 10.54 13.49 -55.15
CA VAL E 160 11.74 13.23 -55.94
C VAL E 160 11.63 11.78 -56.42
N THR E 161 11.75 11.59 -57.74
CA THR E 161 11.71 10.24 -58.28
C THR E 161 13.12 9.75 -58.54
N VAL E 162 13.37 8.50 -58.16
CA VAL E 162 14.67 7.88 -58.36
C VAL E 162 14.51 6.57 -59.12
N SER E 163 15.34 6.39 -60.14
CA SER E 163 15.36 5.14 -60.88
C SER E 163 16.81 4.70 -61.07
N TRP E 164 17.02 3.45 -61.45
CA TRP E 164 18.37 2.95 -61.65
C TRP E 164 18.58 2.42 -63.07
N ASN E 165 19.71 2.79 -63.66
CA ASN E 165 20.06 2.41 -65.02
C ASN E 165 18.96 2.73 -66.03
N SER E 166 18.28 3.85 -65.78
CA SER E 166 17.22 4.34 -66.65
C SER E 166 16.12 3.29 -66.85
N GLY E 167 15.69 2.68 -65.75
CA GLY E 167 14.60 1.71 -65.78
C GLY E 167 15.01 0.29 -66.11
N ALA E 168 16.25 0.10 -66.54
CA ALA E 168 16.73 -1.24 -66.89
C ALA E 168 16.93 -2.09 -65.65
N LEU E 169 17.03 -1.44 -64.50
CA LEU E 169 17.17 -2.14 -63.22
C LEU E 169 16.01 -1.77 -62.29
N THR E 170 15.15 -2.75 -62.04
CA THR E 170 13.95 -2.55 -61.24
C THR E 170 14.01 -3.41 -59.98
N SER E 171 14.18 -4.71 -60.18
CA SER E 171 14.23 -5.68 -59.10
C SER E 171 15.37 -5.38 -58.14
N GLY E 172 15.07 -5.41 -56.84
CA GLY E 172 16.07 -5.17 -55.82
C GLY E 172 16.20 -3.72 -55.42
N VAL E 173 15.30 -2.88 -55.91
CA VAL E 173 15.35 -1.46 -55.60
C VAL E 173 14.30 -1.09 -54.55
N HIS E 174 14.72 -0.37 -53.52
CA HIS E 174 13.80 0.17 -52.53
C HIS E 174 14.08 1.67 -52.41
N THR E 175 13.08 2.48 -52.73
CA THR E 175 13.20 3.93 -52.56
C THR E 175 12.44 4.34 -51.31
N PHE E 176 13.17 4.77 -50.29
CA PHE E 176 12.58 5.14 -49.02
C PHE E 176 11.83 6.46 -49.07
N PRO E 177 10.84 6.62 -48.18
CA PRO E 177 10.19 7.91 -47.96
C PRO E 177 11.19 8.96 -47.47
N ALA E 178 10.78 10.22 -47.53
CA ALA E 178 11.67 11.31 -47.20
C ALA E 178 11.55 11.75 -45.75
N VAL E 179 12.66 12.19 -45.18
CA VAL E 179 12.62 12.84 -43.88
C VAL E 179 12.34 14.32 -44.09
N LEU E 180 11.52 14.90 -43.20
CA LEU E 180 11.35 16.33 -43.22
C LEU E 180 12.21 16.90 -42.11
N GLN E 181 13.32 17.52 -42.52
CA GLN E 181 14.28 18.10 -41.58
C GLN E 181 13.70 19.32 -40.88
N SER E 182 14.33 19.70 -39.77
CA SER E 182 13.90 20.89 -39.04
C SER E 182 14.11 22.15 -39.89
N SER E 183 15.00 22.04 -40.87
CA SER E 183 15.26 23.14 -41.81
C SER E 183 14.04 23.39 -42.70
N GLY E 184 13.22 22.36 -42.87
CA GLY E 184 12.03 22.46 -43.68
C GLY E 184 12.20 21.75 -45.01
N LEU E 185 13.38 21.17 -45.21
CA LEU E 185 13.71 20.53 -46.49
C LEU E 185 13.71 19.01 -46.43
N TYR E 186 13.23 18.38 -47.50
CA TYR E 186 13.18 16.93 -47.58
C TYR E 186 14.50 16.28 -48.00
N SER E 187 14.69 15.03 -47.58
CA SER E 187 15.82 14.21 -47.97
C SER E 187 15.37 12.75 -48.00
N LEU E 188 15.71 12.03 -49.05
CA LEU E 188 15.44 10.59 -49.07
C LEU E 188 16.63 9.81 -49.62
N SER E 189 16.51 8.49 -49.62
CA SER E 189 17.56 7.61 -50.13
C SER E 189 16.97 6.47 -50.94
N SER E 190 17.67 6.10 -52.00
CA SER E 190 17.26 4.95 -52.80
C SER E 190 18.39 3.93 -52.79
N VAL E 191 18.10 2.72 -52.32
CA VAL E 191 19.11 1.69 -52.24
C VAL E 191 18.74 0.53 -53.16
N VAL E 192 19.74 -0.10 -53.77
CA VAL E 192 19.50 -1.28 -54.60
C VAL E 192 20.41 -2.43 -54.19
N THR E 193 19.80 -3.57 -53.90
CA THR E 193 20.53 -4.74 -53.45
C THR E 193 20.91 -5.62 -54.63
N VAL E 194 22.20 -5.72 -54.91
CA VAL E 194 22.70 -6.46 -56.06
C VAL E 194 23.65 -7.57 -55.62
N PRO E 195 23.84 -8.60 -56.46
CA PRO E 195 24.85 -9.62 -56.12
C PRO E 195 26.25 -9.03 -56.05
N SER E 196 27.02 -9.45 -55.06
CA SER E 196 28.36 -8.90 -54.81
C SER E 196 29.34 -9.23 -55.94
N SER E 197 28.97 -10.19 -56.79
CA SER E 197 29.80 -10.60 -57.91
C SER E 197 29.73 -9.60 -59.06
N SER E 198 28.62 -8.87 -59.15
CA SER E 198 28.40 -7.95 -60.26
C SER E 198 29.21 -6.66 -60.10
N LEU E 199 29.77 -6.45 -58.92
CA LEU E 199 30.54 -5.24 -58.67
C LEU E 199 31.80 -5.26 -59.53
N GLY E 200 31.95 -4.24 -60.37
CA GLY E 200 33.05 -4.11 -61.30
C GLY E 200 32.79 -4.71 -62.66
N THR E 201 31.81 -5.61 -62.76
CA THR E 201 31.42 -6.16 -64.06
C THR E 201 30.15 -5.48 -64.53
N GLN E 202 29.62 -4.61 -63.66
CA GLN E 202 28.34 -3.96 -63.90
C GLN E 202 28.36 -2.54 -63.35
N THR E 203 27.76 -1.62 -64.10
CA THR E 203 27.72 -0.24 -63.69
C THR E 203 26.33 0.12 -63.16
N TYR E 204 26.29 0.79 -62.01
CA TYR E 204 25.02 1.19 -61.43
C TYR E 204 24.92 2.72 -61.39
N ILE E 205 23.87 3.23 -62.01
CA ILE E 205 23.64 4.67 -62.10
C ILE E 205 22.26 5.00 -61.58
N CYS E 206 22.17 5.90 -60.60
CA CYS E 206 20.86 6.34 -60.12
C CYS E 206 20.43 7.59 -60.86
N ASN E 207 19.14 7.66 -61.19
CA ASN E 207 18.61 8.80 -61.94
C ASN E 207 17.65 9.59 -61.09
N VAL E 208 18.08 10.76 -60.64
CA VAL E 208 17.28 11.56 -59.72
C VAL E 208 16.55 12.67 -60.43
N ASN E 209 15.26 12.81 -60.15
CA ASN E 209 14.46 13.84 -60.79
C ASN E 209 13.61 14.63 -59.79
N HIS E 210 13.87 15.94 -59.76
CA HIS E 210 13.07 16.88 -58.99
C HIS E 210 12.41 17.82 -60.01
N LYS E 211 11.10 17.68 -60.23
CA LYS E 211 10.44 18.49 -61.25
C LYS E 211 10.45 19.99 -60.91
N PRO E 212 10.19 20.35 -59.64
CA PRO E 212 10.47 21.76 -59.34
C PRO E 212 11.97 22.00 -59.51
N SER E 213 12.37 23.22 -59.83
CA SER E 213 13.78 23.58 -59.96
C SER E 213 14.49 22.88 -61.14
N ASN E 214 13.77 22.01 -61.84
CA ASN E 214 14.32 21.29 -63.00
C ASN E 214 15.62 20.53 -62.72
N THR E 215 15.62 19.63 -61.75
CA THR E 215 16.83 18.89 -61.46
C THR E 215 16.79 17.49 -62.06
N LYS E 216 17.73 17.20 -62.95
CA LYS E 216 17.92 15.84 -63.47
C LYS E 216 19.38 15.47 -63.31
N VAL E 217 19.66 14.55 -62.37
CA VAL E 217 21.02 14.14 -62.06
C VAL E 217 21.21 12.63 -62.18
N ASP E 218 22.26 12.23 -62.90
CA ASP E 218 22.65 10.83 -63.00
C ASP E 218 23.96 10.64 -62.25
N LYS E 219 23.97 9.72 -61.29
CA LYS E 219 25.19 9.48 -60.53
C LYS E 219 25.57 8.01 -60.55
N ARG E 220 26.82 7.73 -60.89
CA ARG E 220 27.31 6.36 -60.89
C ARG E 220 27.91 6.04 -59.52
N VAL E 221 27.57 4.86 -59.00
CA VAL E 221 28.06 4.41 -57.70
C VAL E 221 29.13 3.33 -57.88
N GLU E 222 30.34 3.57 -57.38
CA GLU E 222 31.44 2.63 -57.55
C GLU E 222 32.02 2.15 -56.22
N LEU E 223 33.00 1.26 -56.28
CA LEU E 223 33.65 0.76 -55.07
C LEU E 223 34.64 1.79 -54.54
N LYS F 1 -24.62 43.39 13.07
CA LYS F 1 -24.42 42.15 13.81
C LYS F 1 -25.36 41.01 13.37
N PRO F 2 -26.66 41.28 13.16
CA PRO F 2 -27.50 40.16 12.68
C PRO F 2 -27.17 39.72 11.26
N LEU F 3 -27.03 38.42 11.07
CA LEU F 3 -26.68 37.86 9.76
C LEU F 3 -27.91 37.46 8.95
N ILE F 4 -28.15 38.15 7.85
CA ILE F 4 -29.25 37.84 6.95
C ILE F 4 -28.73 37.13 5.72
N LEU F 5 -29.10 35.86 5.54
CA LEU F 5 -28.60 35.09 4.40
C LEU F 5 -29.48 35.27 3.18
N ARG F 6 -28.94 35.91 2.14
CA ARG F 6 -29.73 36.21 0.96
C ARG F 6 -29.87 35.03 0.01
N ASP F 7 -28.74 34.46 -0.38
CA ASP F 7 -28.76 33.36 -1.36
C ASP F 7 -28.53 31.99 -0.74
N CYS F 8 -28.21 31.96 0.54
CA CYS F 8 -27.77 30.71 1.14
C CYS F 8 -28.68 30.22 2.25
N SER F 9 -28.70 28.90 2.45
CA SER F 9 -29.45 28.32 3.55
C SER F 9 -28.57 28.34 4.79
N VAL F 10 -29.14 27.94 5.92
CA VAL F 10 -28.36 27.85 7.15
C VAL F 10 -27.35 26.72 7.04
N ALA F 11 -27.81 25.57 6.54
CA ALA F 11 -26.94 24.41 6.37
C ALA F 11 -25.77 24.75 5.45
N GLY F 12 -26.09 25.36 4.32
CA GLY F 12 -25.07 25.71 3.33
C GLY F 12 -24.04 26.70 3.82
N TRP F 13 -24.47 27.66 4.63
CA TRP F 13 -23.55 28.68 5.12
C TRP F 13 -22.66 28.14 6.25
N LEU F 14 -23.24 27.29 7.09
CA LEU F 14 -22.47 26.65 8.16
C LEU F 14 -21.41 25.71 7.60
N LEU F 15 -21.79 24.93 6.59
CA LEU F 15 -20.87 24.01 5.96
C LEU F 15 -19.86 24.73 5.08
N GLY F 16 -20.20 25.95 4.66
CA GLY F 16 -19.33 26.72 3.78
C GLY F 16 -19.41 26.36 2.30
N ASN F 17 -20.64 26.26 1.81
CA ASN F 17 -20.92 26.00 0.40
C ASN F 17 -20.33 27.12 -0.46
N PRO F 18 -19.48 26.75 -1.44
CA PRO F 18 -18.78 27.73 -2.28
C PRO F 18 -19.68 28.76 -2.97
N MET F 19 -20.95 28.44 -3.23
CA MET F 19 -21.80 29.45 -3.87
C MET F 19 -22.26 30.55 -2.91
N CYS F 20 -22.42 30.26 -1.62
CA CYS F 20 -22.71 31.36 -0.71
C CYS F 20 -21.59 31.55 0.31
N ASP F 21 -20.66 32.43 -0.02
CA ASP F 21 -19.62 32.88 0.91
C ASP F 21 -19.84 34.35 1.26
N GLU F 22 -20.94 34.89 0.75
CA GLU F 22 -21.30 36.29 0.96
C GLU F 22 -21.78 36.54 2.39
N GLU F 28 -17.77 37.96 13.64
CA GLU F 28 -18.73 37.83 14.74
C GLU F 28 -20.13 38.24 14.32
N TRP F 29 -21.13 37.53 14.85
CA TRP F 29 -22.52 37.78 14.52
C TRP F 29 -23.38 37.72 15.78
N SER F 30 -24.62 38.16 15.67
CA SER F 30 -25.55 38.04 16.79
C SER F 30 -26.49 36.86 16.60
N TYR F 31 -27.30 36.91 15.55
CA TYR F 31 -28.24 35.81 15.28
C TYR F 31 -28.38 35.61 13.78
N ILE F 32 -28.99 34.51 13.39
CA ILE F 32 -29.07 34.14 11.98
C ILE F 32 -30.52 33.99 11.51
N VAL F 33 -30.82 34.57 10.35
CA VAL F 33 -32.15 34.50 9.78
C VAL F 33 -32.05 34.05 8.31
N GLU F 34 -32.94 33.14 7.92
CA GLU F 34 -33.01 32.65 6.56
C GLU F 34 -34.32 33.09 5.92
N LYS F 35 -34.25 33.72 4.75
CA LYS F 35 -35.46 34.25 4.13
C LYS F 35 -35.93 33.38 2.98
N ALA F 36 -37.24 33.10 2.99
CA ALA F 36 -37.92 32.35 1.95
C ALA F 36 -37.25 31.01 1.65
N ASN F 37 -37.08 30.71 0.37
CA ASN F 37 -36.42 29.50 -0.05
C ASN F 37 -35.03 29.81 -0.59
N PRO F 38 -34.00 29.21 0.02
CA PRO F 38 -32.61 29.43 -0.40
C PRO F 38 -32.32 28.82 -1.77
N VAL F 39 -31.52 29.53 -2.57
CA VAL F 39 -31.15 29.06 -3.89
C VAL F 39 -30.31 27.79 -3.78
N ASN F 40 -29.48 27.73 -2.75
CA ASN F 40 -28.63 26.57 -2.52
C ASN F 40 -28.78 25.98 -1.13
N ASP F 41 -29.24 24.74 -1.05
CA ASP F 41 -29.34 24.06 0.24
C ASP F 41 -28.07 23.25 0.46
N LEU F 42 -27.86 22.25 -0.38
CA LEU F 42 -26.65 21.44 -0.30
C LEU F 42 -26.12 21.24 -1.69
N CYS F 43 -24.89 21.71 -1.93
CA CYS F 43 -24.32 21.63 -3.27
C CYS F 43 -23.96 20.19 -3.58
N TYR F 44 -23.30 19.51 -2.63
CA TYR F 44 -23.15 18.08 -2.72
C TYR F 44 -24.42 17.44 -2.13
N PRO F 45 -25.14 16.67 -2.95
CA PRO F 45 -26.43 16.10 -2.55
C PRO F 45 -26.34 15.25 -1.27
N GLY F 46 -27.40 15.25 -0.49
CA GLY F 46 -27.43 14.49 0.74
C GLY F 46 -28.50 14.95 1.70
N ASP F 47 -28.29 14.70 2.98
CA ASP F 47 -29.25 15.07 3.99
C ASP F 47 -28.52 15.77 5.13
N PHE F 48 -29.25 16.63 5.83
CA PHE F 48 -28.70 17.30 7.00
C PHE F 48 -29.56 16.89 8.19
N ASN F 49 -29.02 16.04 9.05
CA ASN F 49 -29.78 15.48 10.16
C ASN F 49 -30.13 16.50 11.22
N ASP F 50 -31.36 16.40 11.74
CA ASP F 50 -31.85 17.28 12.78
C ASP F 50 -31.75 18.74 12.39
N TYR F 51 -32.15 19.05 11.15
CA TYR F 51 -32.04 20.40 10.62
C TYR F 51 -33.04 21.34 11.28
N GLU F 52 -34.27 20.85 11.44
CA GLU F 52 -35.32 21.66 12.03
C GLU F 52 -34.98 22.03 13.48
N GLU F 53 -34.47 21.06 14.24
CA GLU F 53 -34.10 21.30 15.63
C GLU F 53 -32.97 22.33 15.75
N LEU F 54 -32.04 22.30 14.81
CA LEU F 54 -30.91 23.22 14.82
C LEU F 54 -31.34 24.65 14.51
N LYS F 55 -32.31 24.80 13.61
CA LYS F 55 -32.81 26.11 13.23
C LYS F 55 -33.53 26.78 14.41
N HIS F 56 -34.28 25.97 15.15
CA HIS F 56 -34.96 26.46 16.35
C HIS F 56 -33.95 26.95 17.38
N LEU F 57 -32.82 26.23 17.46
CA LEU F 57 -31.75 26.55 18.40
C LEU F 57 -31.01 27.83 18.03
N LEU F 58 -30.73 28.01 16.74
CA LEU F 58 -29.92 29.13 16.28
C LEU F 58 -30.69 30.45 16.23
N SER F 59 -31.99 30.40 16.47
CA SER F 59 -32.76 31.63 16.55
C SER F 59 -32.85 32.09 17.99
N ARG F 60 -32.28 31.30 18.90
CA ARG F 60 -32.31 31.66 20.31
C ARG F 60 -30.97 32.25 20.78
N ILE F 61 -30.00 32.40 19.88
CA ILE F 61 -28.69 32.91 20.29
C ILE F 61 -28.48 34.39 19.92
N ASN F 62 -27.83 35.13 20.82
CA ASN F 62 -27.49 36.53 20.56
C ASN F 62 -26.01 36.75 20.20
N HIS F 63 -25.22 35.69 20.16
CA HIS F 63 -23.82 35.80 19.73
C HIS F 63 -23.34 34.57 18.97
N PHE F 64 -22.69 34.81 17.84
CA PHE F 64 -22.28 33.75 16.92
C PHE F 64 -20.87 34.02 16.39
N GLU F 65 -19.93 33.11 16.65
CA GLU F 65 -18.55 33.36 16.23
C GLU F 65 -17.89 32.12 15.63
N LYS F 66 -17.37 32.26 14.42
CA LYS F 66 -16.68 31.17 13.73
C LYS F 66 -15.26 31.02 14.25
N ILE F 67 -14.80 29.78 14.36
CA ILE F 67 -13.51 29.50 14.96
C ILE F 67 -12.91 28.21 14.39
N GLN F 68 -11.59 28.14 14.31
CA GLN F 68 -10.93 26.95 13.80
C GLN F 68 -10.55 25.99 14.94
N ILE F 69 -11.23 24.86 15.02
CA ILE F 69 -10.89 23.87 16.06
C ILE F 69 -9.83 22.85 15.60
N ILE F 70 -9.91 22.42 14.34
CA ILE F 70 -8.93 21.47 13.78
C ILE F 70 -8.37 21.98 12.46
N PRO F 71 -7.19 22.60 12.51
CA PRO F 71 -6.60 23.12 11.27
C PRO F 71 -6.39 22.02 10.23
N LYS F 72 -6.74 22.27 8.97
CA LYS F 72 -6.68 21.24 7.93
C LYS F 72 -5.27 20.79 7.61
N SER F 73 -4.29 21.60 8.01
CA SER F 73 -2.89 21.26 7.79
C SER F 73 -2.40 20.26 8.85
N SER F 74 -3.24 20.00 9.84
CA SER F 74 -2.87 19.07 10.90
C SER F 74 -3.06 17.63 10.44
N TRP F 75 -3.64 17.45 9.26
CA TRP F 75 -3.75 16.10 8.72
C TRP F 75 -2.53 15.87 7.85
N SER F 76 -1.53 15.21 8.42
CA SER F 76 -0.32 14.84 7.67
C SER F 76 -0.39 13.38 7.28
N SER F 77 -1.43 12.73 7.77
CA SER F 77 -1.61 11.30 7.56
C SER F 77 -2.48 11.02 6.34
N HIS F 78 -3.20 12.03 5.89
CA HIS F 78 -4.19 11.91 4.81
C HIS F 78 -4.16 13.11 3.88
N GLU F 79 -5.02 13.10 2.87
CA GLU F 79 -5.07 14.20 1.91
C GLU F 79 -6.30 15.08 2.13
N ALA F 80 -6.07 16.31 2.57
CA ALA F 80 -7.15 17.20 3.00
C ALA F 80 -7.56 18.25 1.97
N SER F 81 -6.89 18.28 0.83
CA SER F 81 -7.15 19.34 -0.15
C SER F 81 -7.72 18.80 -1.46
N LEU F 82 -7.37 17.57 -1.81
CA LEU F 82 -7.76 17.02 -3.10
C LEU F 82 -9.19 16.49 -3.18
N GLY F 83 -9.82 16.25 -2.04
CA GLY F 83 -11.21 15.83 -2.10
C GLY F 83 -12.05 17.02 -2.55
N VAL F 84 -12.59 16.92 -3.76
CA VAL F 84 -13.38 17.98 -4.38
C VAL F 84 -14.43 17.35 -5.27
N SER F 85 -15.45 18.12 -5.64
CA SER F 85 -16.50 17.59 -6.50
C SER F 85 -16.97 18.64 -7.49
N SER F 86 -17.47 18.18 -8.63
CA SER F 86 -17.99 19.10 -9.63
C SER F 86 -19.33 19.67 -9.18
N ALA F 87 -19.97 19.01 -8.22
CA ALA F 87 -21.27 19.47 -7.72
C ALA F 87 -21.13 20.71 -6.84
N CYS F 88 -19.90 20.99 -6.43
CA CYS F 88 -19.61 22.17 -5.62
C CYS F 88 -18.52 22.97 -6.30
N PRO F 89 -18.85 23.64 -7.41
CA PRO F 89 -17.82 24.31 -8.22
C PRO F 89 -17.38 25.66 -7.65
N TYR F 90 -16.14 26.02 -7.92
CA TYR F 90 -15.64 27.36 -7.64
C TYR F 90 -14.73 27.81 -8.77
N GLN F 91 -15.08 28.94 -9.39
CA GLN F 91 -14.35 29.48 -10.54
C GLN F 91 -14.24 28.45 -11.66
N GLY F 92 -15.33 27.73 -11.90
CA GLY F 92 -15.46 26.79 -12.99
C GLY F 92 -14.89 25.41 -12.74
N LYS F 93 -14.04 25.27 -11.74
CA LYS F 93 -13.42 23.99 -11.42
C LYS F 93 -14.08 23.37 -10.19
N SER F 94 -13.68 22.15 -9.87
CA SER F 94 -14.25 21.43 -8.73
C SER F 94 -13.77 21.99 -7.39
N SER F 95 -14.65 21.96 -6.39
CA SER F 95 -14.33 22.44 -5.05
C SER F 95 -15.17 21.70 -4.00
N PHE F 96 -15.15 22.17 -2.77
CA PHE F 96 -15.95 21.55 -1.71
C PHE F 96 -16.35 22.59 -0.68
N PHE F 97 -17.17 22.18 0.29
CA PHE F 97 -17.49 23.01 1.44
C PHE F 97 -16.21 23.49 2.11
N ARG F 98 -16.15 24.76 2.48
CA ARG F 98 -14.91 25.33 3.02
C ARG F 98 -14.66 25.04 4.50
N ASN F 99 -15.73 24.93 5.29
CA ASN F 99 -15.57 24.78 6.74
C ASN F 99 -15.41 23.34 7.18
N VAL F 100 -15.59 22.40 6.25
CA VAL F 100 -15.44 20.99 6.56
C VAL F 100 -14.46 20.38 5.56
N VAL F 101 -13.66 19.42 6.02
CA VAL F 101 -12.59 18.85 5.22
C VAL F 101 -12.90 17.44 4.70
N TRP F 102 -12.76 17.25 3.40
CA TRP F 102 -12.98 15.93 2.82
C TRP F 102 -11.64 15.20 2.79
N LEU F 103 -11.48 14.26 3.71
CA LEU F 103 -10.23 13.53 3.84
C LEU F 103 -10.19 12.34 2.90
N ILE F 104 -9.15 12.28 2.07
CA ILE F 104 -8.97 11.14 1.18
C ILE F 104 -7.57 10.56 1.37
N LYS F 105 -7.32 9.43 0.70
CA LYS F 105 -6.09 8.69 0.93
C LYS F 105 -4.85 9.38 0.37
N LYS F 106 -3.78 9.35 1.15
CA LYS F 106 -2.47 9.78 0.71
C LYS F 106 -1.72 8.58 0.18
N ASN F 107 -1.24 8.70 -1.06
CA ASN F 107 -0.64 7.59 -1.77
C ASN F 107 -1.60 6.40 -1.82
N SER F 108 -1.10 5.24 -1.40
CA SER F 108 -1.91 4.02 -1.41
C SER F 108 -2.53 3.70 -0.05
N ALA F 109 -2.53 4.65 0.89
CA ALA F 109 -2.98 4.36 2.24
C ALA F 109 -3.88 5.41 2.89
N TYR F 110 -4.76 4.93 3.76
CA TYR F 110 -5.61 5.78 4.60
C TYR F 110 -5.51 5.26 6.03
N PRO F 111 -4.48 5.69 6.77
CA PRO F 111 -4.31 5.25 8.17
C PRO F 111 -5.50 5.62 9.06
N THR F 112 -5.69 4.90 10.16
CA THR F 112 -6.83 5.17 11.02
C THR F 112 -6.68 6.51 11.73
N ILE F 113 -7.72 7.33 11.65
CA ILE F 113 -7.71 8.61 12.32
C ILE F 113 -8.20 8.47 13.76
N LYS F 114 -7.34 8.83 14.71
CA LYS F 114 -7.78 8.99 16.08
C LYS F 114 -7.46 10.42 16.50
N ARG F 115 -8.49 11.25 16.59
CA ARG F 115 -8.29 12.66 16.86
C ARG F 115 -9.30 13.17 17.90
N SER F 116 -8.84 14.02 18.81
CA SER F 116 -9.73 14.56 19.85
C SER F 116 -9.58 16.08 20.01
N TYR F 117 -10.70 16.78 20.13
CA TYR F 117 -10.65 18.20 20.46
C TYR F 117 -11.45 18.51 21.72
N ASN F 118 -10.80 19.20 22.66
CA ASN F 118 -11.42 19.58 23.92
C ASN F 118 -11.78 21.06 23.90
N ASN F 119 -13.04 21.39 24.16
CA ASN F 119 -13.45 22.78 24.16
C ASN F 119 -12.89 23.48 25.41
N THR F 120 -11.98 24.43 25.21
CA THR F 120 -11.42 25.21 26.31
C THR F 120 -11.98 26.63 26.35
N ASN F 121 -12.99 26.89 25.54
CA ASN F 121 -13.62 28.21 25.57
C ASN F 121 -14.64 28.26 26.70
N GLN F 122 -15.22 29.43 26.91
CA GLN F 122 -16.23 29.58 27.93
C GLN F 122 -17.63 29.50 27.32
N GLU F 123 -17.68 29.22 26.03
CA GLU F 123 -18.95 29.16 25.31
C GLU F 123 -19.18 27.79 24.70
N ASP F 124 -20.43 27.48 24.42
CA ASP F 124 -20.81 26.25 23.73
C ASP F 124 -20.29 26.26 22.28
N LEU F 125 -19.89 25.10 21.79
CA LEU F 125 -19.42 25.01 20.42
C LEU F 125 -20.38 24.22 19.54
N LEU F 126 -20.78 24.80 18.42
CA LEU F 126 -21.50 24.04 17.41
C LEU F 126 -20.48 23.33 16.54
N VAL F 127 -20.50 22.00 16.55
CA VAL F 127 -19.55 21.23 15.76
C VAL F 127 -20.28 20.41 14.69
N LEU F 128 -19.80 20.49 13.45
CA LEU F 128 -20.40 19.74 12.35
C LEU F 128 -19.39 18.76 11.80
N TRP F 129 -19.86 17.57 11.41
CA TRP F 129 -19.03 16.59 10.71
C TRP F 129 -19.93 15.83 9.75
N GLY F 130 -19.37 14.92 8.97
CA GLY F 130 -20.16 14.20 8.00
C GLY F 130 -19.61 12.85 7.58
N ILE F 131 -20.43 12.10 6.87
CA ILE F 131 -20.00 10.84 6.27
C ILE F 131 -20.37 10.87 4.79
N HIS F 132 -19.51 10.30 3.94
CA HIS F 132 -19.77 10.21 2.50
C HIS F 132 -20.22 8.80 2.14
N HIS F 133 -21.37 8.68 1.48
CA HIS F 133 -21.80 7.38 0.99
C HIS F 133 -21.46 7.26 -0.50
N PRO F 134 -20.38 6.52 -0.81
CA PRO F 134 -19.86 6.42 -2.18
C PRO F 134 -20.80 5.74 -3.16
N ASN F 135 -20.56 5.97 -4.44
CA ASN F 135 -21.42 5.45 -5.51
C ASN F 135 -21.39 3.93 -5.60
N ASP F 136 -20.18 3.37 -5.65
CA ASP F 136 -20.00 1.93 -5.68
C ASP F 136 -18.66 1.54 -5.03
N ALA F 137 -18.33 0.26 -5.08
CA ALA F 137 -17.12 -0.24 -4.44
C ALA F 137 -15.84 0.37 -5.03
N ALA F 138 -15.84 0.59 -6.33
CA ALA F 138 -14.67 1.15 -7.00
C ALA F 138 -14.36 2.54 -6.46
N GLU F 139 -15.42 3.32 -6.23
CA GLU F 139 -15.27 4.68 -5.73
C GLU F 139 -14.85 4.67 -4.26
N GLN F 140 -15.36 3.69 -3.51
CA GLN F 140 -14.95 3.52 -2.12
C GLN F 140 -13.45 3.34 -2.05
N THR F 141 -12.94 2.39 -2.84
CA THR F 141 -11.51 2.10 -2.91
C THR F 141 -10.72 3.27 -3.50
N LYS F 142 -11.31 3.97 -4.45
CA LYS F 142 -10.62 5.10 -5.08
C LYS F 142 -10.38 6.22 -4.08
N LEU F 143 -11.41 6.57 -3.31
CA LEU F 143 -11.29 7.69 -2.37
C LEU F 143 -10.55 7.30 -1.10
N TYR F 144 -10.84 6.11 -0.58
CA TYR F 144 -10.23 5.61 0.65
C TYR F 144 -9.88 4.15 0.40
N GLN F 145 -8.61 3.77 0.56
CA GLN F 145 -8.17 2.43 0.16
C GLN F 145 -8.95 1.29 0.79
N ASN F 146 -9.44 1.51 2.00
CA ASN F 146 -10.11 0.50 2.78
C ASN F 146 -11.55 0.27 2.33
N PRO F 147 -11.88 -0.99 1.97
CA PRO F 147 -13.23 -1.37 1.56
C PRO F 147 -14.24 -1.30 2.70
N THR F 148 -13.86 -1.77 3.88
CA THR F 148 -14.74 -1.81 5.05
C THR F 148 -14.39 -0.70 6.03
N THR F 149 -15.27 0.30 6.18
CA THR F 149 -14.91 1.48 6.99
C THR F 149 -15.98 1.86 8.01
N TYR F 150 -15.60 2.75 8.93
CA TYR F 150 -16.46 3.16 10.04
C TYR F 150 -16.14 4.57 10.54
N ILE F 151 -17.09 5.17 11.25
CA ILE F 151 -16.81 6.43 11.93
C ILE F 151 -17.37 6.40 13.34
N SER F 152 -16.50 6.65 14.32
CA SER F 152 -16.97 6.76 15.70
C SER F 152 -16.82 8.20 16.15
N VAL F 153 -17.89 8.79 16.65
CA VAL F 153 -17.82 10.13 17.21
C VAL F 153 -18.25 10.12 18.66
N GLY F 154 -17.30 10.37 19.55
CA GLY F 154 -17.62 10.42 20.97
C GLY F 154 -17.76 11.81 21.56
N THR F 155 -18.64 11.93 22.53
CA THR F 155 -18.77 13.11 23.39
C THR F 155 -19.24 12.53 24.72
N SER F 156 -19.12 13.25 25.82
CA SER F 156 -19.56 12.70 27.10
C SER F 156 -21.05 12.36 27.08
N THR F 157 -21.81 13.13 26.31
CA THR F 157 -23.24 12.91 26.17
C THR F 157 -23.65 12.25 24.84
N LEU F 158 -22.67 11.90 24.01
CA LEU F 158 -22.96 11.42 22.67
C LEU F 158 -22.01 10.34 22.23
N ASN F 159 -22.58 9.25 21.72
CA ASN F 159 -21.80 8.19 21.10
C ASN F 159 -22.42 7.76 19.79
N GLN F 160 -21.72 8.02 18.69
CA GLN F 160 -22.22 7.73 17.36
C GLN F 160 -21.29 6.79 16.63
N ARG F 161 -21.86 5.81 15.95
CA ARG F 161 -21.06 4.95 15.09
C ARG F 161 -21.71 4.81 13.72
N LEU F 162 -20.99 5.23 12.69
CA LEU F 162 -21.50 5.27 11.33
C LEU F 162 -20.79 4.29 10.40
N VAL F 163 -21.58 3.59 9.60
CA VAL F 163 -21.07 2.76 8.51
C VAL F 163 -21.59 3.27 7.18
N PRO F 164 -20.69 3.68 6.27
CA PRO F 164 -21.12 4.22 4.98
C PRO F 164 -21.96 3.23 4.17
N ARG F 165 -23.08 3.68 3.62
CA ARG F 165 -23.92 2.85 2.78
C ARG F 165 -23.52 3.01 1.32
N ILE F 166 -22.90 1.99 0.75
CA ILE F 166 -22.49 2.07 -0.64
C ILE F 166 -23.66 1.72 -1.55
N ALA F 167 -24.16 2.73 -2.26
CA ALA F 167 -25.30 2.54 -3.16
C ALA F 167 -25.32 3.60 -4.26
N THR F 168 -25.84 3.23 -5.42
CA THR F 168 -26.01 4.16 -6.52
C THR F 168 -27.37 4.84 -6.44
N ARG F 169 -27.37 6.17 -6.40
CA ARG F 169 -28.61 6.93 -6.24
C ARG F 169 -28.89 7.80 -7.45
N SER F 170 -30.04 8.47 -7.43
CA SER F 170 -30.42 9.37 -8.51
C SER F 170 -29.42 10.51 -8.62
N LYS F 171 -29.15 10.97 -9.84
CA LYS F 171 -28.12 12.00 -10.02
C LYS F 171 -28.68 13.38 -9.65
N VAL F 172 -28.11 13.95 -8.60
CA VAL F 172 -28.42 15.32 -8.19
C VAL F 172 -27.14 16.14 -8.31
N ASN F 173 -27.22 17.25 -9.04
CA ASN F 173 -26.07 18.09 -9.35
C ASN F 173 -24.95 17.28 -10.02
N GLY F 174 -25.33 16.22 -10.71
CA GLY F 174 -24.39 15.43 -11.49
C GLY F 174 -23.81 14.24 -10.77
N LEU F 175 -24.15 14.08 -9.49
CA LEU F 175 -23.55 13.01 -8.70
C LEU F 175 -24.56 11.99 -8.21
N SER F 176 -24.15 10.71 -8.26
CA SER F 176 -24.99 9.61 -7.84
C SER F 176 -24.66 9.16 -6.41
N SER F 177 -23.70 9.82 -5.77
CA SER F 177 -23.38 9.53 -4.39
C SER F 177 -23.98 10.60 -3.48
N ARG F 178 -23.87 10.43 -2.17
CA ARG F 178 -24.50 11.35 -1.24
C ARG F 178 -23.59 11.67 -0.07
N MET F 179 -23.95 12.70 0.69
CA MET F 179 -23.26 13.01 1.95
C MET F 179 -24.22 13.34 3.08
N GLU F 180 -24.04 12.67 4.20
CA GLU F 180 -24.87 12.87 5.38
C GLU F 180 -24.11 13.72 6.40
N PHE F 181 -24.76 14.75 6.91
CA PHE F 181 -24.11 15.63 7.88
C PHE F 181 -24.80 15.62 9.25
N PHE F 182 -23.98 15.71 10.30
CA PHE F 182 -24.45 15.67 11.68
C PHE F 182 -23.89 16.83 12.49
N TRP F 183 -24.55 17.15 13.60
CA TRP F 183 -24.10 18.24 14.47
C TRP F 183 -24.37 17.96 15.94
N THR F 184 -23.61 18.64 16.80
CA THR F 184 -23.82 18.55 18.24
C THR F 184 -23.29 19.80 18.92
N ILE F 185 -23.68 19.98 20.18
CA ILE F 185 -23.17 21.07 20.99
C ILE F 185 -22.12 20.54 21.95
N LEU F 186 -20.91 21.06 21.86
CA LEU F 186 -19.83 20.65 22.75
C LEU F 186 -19.76 21.59 23.95
N LYS F 187 -20.06 21.07 25.14
CA LYS F 187 -20.05 21.87 26.36
C LYS F 187 -18.63 22.33 26.72
N PRO F 188 -18.52 23.50 27.35
CA PRO F 188 -17.24 24.17 27.61
C PRO F 188 -16.14 23.37 28.29
N ASN F 189 -16.43 22.30 29.00
CA ASN F 189 -15.33 21.45 29.47
C ASN F 189 -15.21 20.09 28.75
N ASP F 190 -16.16 19.81 27.85
CA ASP F 190 -16.25 18.52 27.16
C ASP F 190 -15.37 18.42 25.91
N ALA F 191 -15.00 17.20 25.55
CA ALA F 191 -14.17 16.94 24.37
C ALA F 191 -14.88 16.03 23.37
N ILE F 192 -14.69 16.32 22.09
CA ILE F 192 -15.24 15.47 21.04
C ILE F 192 -14.14 14.57 20.49
N ASN F 193 -14.48 13.30 20.29
CA ASN F 193 -13.50 12.31 19.85
C ASN F 193 -13.92 11.71 18.51
N PHE F 194 -12.98 11.66 17.58
CA PHE F 194 -13.26 11.08 16.27
C PHE F 194 -12.37 9.86 16.02
N GLU F 195 -12.94 8.80 15.48
CA GLU F 195 -12.13 7.71 14.96
C GLU F 195 -12.73 7.23 13.64
N SER F 196 -11.90 7.19 12.61
CA SER F 196 -12.34 6.72 11.29
C SER F 196 -11.20 6.16 10.45
N ASN F 197 -11.50 5.08 9.72
CA ASN F 197 -10.60 4.58 8.68
C ASN F 197 -11.09 4.95 7.28
N GLY F 198 -12.13 5.79 7.18
CA GLY F 198 -12.62 6.22 5.89
C GLY F 198 -13.97 6.92 5.85
N ASN F 199 -14.25 7.56 4.70
CA ASN F 199 -15.53 8.21 4.43
C ASN F 199 -15.87 9.33 5.41
N PHE F 200 -14.85 9.85 6.08
CA PHE F 200 -15.03 10.85 7.13
C PHE F 200 -14.89 12.26 6.57
N ILE F 201 -15.91 13.09 6.82
CA ILE F 201 -15.79 14.49 6.47
C ILE F 201 -15.55 15.25 7.76
N ALA F 202 -14.31 15.66 7.97
CA ALA F 202 -13.85 16.14 9.27
C ALA F 202 -14.13 17.61 9.50
N PRO F 203 -14.48 17.97 10.74
CA PRO F 203 -14.63 19.39 11.04
C PRO F 203 -13.29 20.12 10.98
N GLU F 204 -13.35 21.36 10.53
CA GLU F 204 -12.21 22.25 10.60
C GLU F 204 -12.64 23.44 11.46
N TYR F 205 -13.75 24.06 11.06
CA TYR F 205 -14.27 25.21 11.78
C TYR F 205 -15.50 24.83 12.61
N ALA F 206 -15.61 25.47 13.78
CA ALA F 206 -16.78 25.32 14.63
C ALA F 206 -17.31 26.70 15.00
N TYR F 207 -18.38 26.74 15.78
CA TYR F 207 -19.00 28.02 16.09
C TYR F 207 -19.30 28.21 17.58
N LYS F 208 -18.71 29.25 18.16
CA LYS F 208 -19.07 29.65 19.50
C LYS F 208 -20.43 30.31 19.47
N ILE F 209 -21.37 29.79 20.25
CA ILE F 209 -22.70 30.36 20.35
C ILE F 209 -23.00 30.72 21.81
N VAL F 210 -23.80 31.75 22.02
CA VAL F 210 -24.17 32.16 23.37
C VAL F 210 -25.68 32.32 23.51
N LYS F 211 -26.26 31.71 24.55
CA LYS F 211 -27.70 31.79 24.81
C LYS F 211 -28.08 33.09 25.53
C1 NAG G . -3.05 -8.51 -18.68
C2 NAG G . -2.44 -9.89 -18.85
C3 NAG G . -3.42 -10.96 -18.39
C4 NAG G . -3.88 -10.67 -16.96
C5 NAG G . -4.38 -9.24 -16.84
C6 NAG G . -4.70 -8.83 -15.42
C7 NAG G . -0.81 -9.99 -20.70
C8 NAG G . -0.60 -10.27 -22.15
N2 NAG G . -2.06 -10.13 -20.25
O3 NAG G . -2.82 -12.25 -18.47
O4 NAG G . -4.91 -11.59 -16.61
O5 NAG G . -3.39 -8.32 -17.31
O6 NAG G . -3.68 -8.00 -14.90
O7 NAG G . 0.11 -9.64 -19.96
C1 NAG G . -4.69 -12.43 -15.44
C2 NAG G . -3.25 -12.50 -14.87
C3 NAG G . -3.21 -13.38 -13.62
C4 NAG G . -4.28 -12.94 -12.61
C5 NAG G . -5.64 -12.92 -13.28
C6 NAG G . -6.74 -12.43 -12.37
C7 NAG G . -1.03 -12.62 -15.92
C8 NAG G . -0.20 -13.24 -16.99
N2 NAG G . -2.31 -13.00 -15.86
O3 NAG G . -1.93 -13.29 -13.01
O4 NAG G . -4.32 -13.86 -11.52
O5 NAG G . -5.61 -12.02 -14.41
O6 NAG G . -7.32 -13.51 -11.63
O7 NAG G . -0.57 -11.80 -15.12
C1 FUC G . -3.90 -7.79 -13.50
C2 FUC G . -2.61 -8.10 -12.70
C3 FUC G . -1.52 -7.08 -13.03
C4 FUC G . -2.03 -5.65 -12.78
C5 FUC G . -3.41 -5.42 -13.46
C6 FUC G . -4.09 -4.15 -12.96
O2 FUC G . -2.15 -9.43 -12.93
O3 FUC G . -0.38 -7.28 -12.18
O4 FUC G . -2.11 -5.41 -11.38
O5 FUC G . -4.36 -6.49 -13.23
#